data_9FY8
#
_entry.id   9FY8
#
_cell.length_a   47.331
_cell.length_b   128.144
_cell.length_c   98.896
_cell.angle_alpha   90.00
_cell.angle_beta   98.17
_cell.angle_gamma   90.00
#
_symmetry.space_group_name_H-M   'P 1 21 1'
#
loop_
_entity.id
_entity.type
_entity.pdbx_description
1 polymer 'L2A5 Fab Heavy chain'
2 polymer 'L2A5 Fab Light Chain'
3 polymer 'Human anti kappa variable heavy chain'
4 branched 'N-acetyl-alpha-neuraminic acid-(2-6)-2-acetamido-2-deoxy-alpha-D-galactopyranose'
5 non-polymer THREONINE
6 water water
#
loop_
_entity_poly.entity_id
_entity_poly.type
_entity_poly.pdbx_seq_one_letter_code
_entity_poly.pdbx_strand_id
1 'polypeptide(L)'
;EVQLQESGPGLVKPSQSLSLTCSVIGYSITSGYYWNWIRQFPGNKLEWMGSINYDGSNIYNPSLKDRISITRDTSKNQFF
LKLNSVTTEDTATYYCARGGDYWGQGTSVTVSSASTKGPSVFPLAPSSKSTSGGTAALGCLVKDYFPEPVTVSWNSGALT
SGVHTFPAVLQSSGLYSLSSVVTVPSSSLGTQTYICNVNHKPSNTKVDKRVEPKSC
;
B,I
2 'polypeptide(L)'
;DIVLTQTPAIMSASPGEKVTLTCSASSSVSYMHWFQQKSGTSPKRWIYDTSKLASGVPARFSGSGSGTSYSLTISSMEAE
DAAAYYCQQWSSDPPMLTFGAGTKLELKRTVAAPSVFIFPPSDEQLKSGTASVVCLLNNFYPREAKVQWKVDNALQSGNS
QESVTEQDSKDSTYSLSSTLTLSKADYEKHKVYACEVTHQGLSSPVTKSFNRGEC
;
C,L
3 'polypeptide(L)'
;(UNK)VQL(UNK)(UNK)SGGG(UNK)VQ(UNK)G(UNK)SL(UNK)LSC(UNK)A(UNK)(UNK)(UNK)(UNK)
(UNK)(UNK)(UNK)(UNK)(UNK)(UNK)W(UNK)RQ(UNK)PG(UNK)(UNK)RE(UNK)V(UNK)(UNK)(UNK)
(UNK)(UNK)(UNK)(UNK)(UNK)(UNK)(UNK)(UNK)(UNK)(UNK)DS(UNK)(UNK)GRFT(UNK)S(UNK)D
(UNK)(UNK)(UNK)(UNK)(UNK)(UNK)(UNK)LQ(UNK)(UNK)(UNK)L(UNK)(UNK)(UNK)D(UNK)A(UNK)
YYC(UNK)(UNK)(UNK)(UNK)(UNK)(UNK)(UNK)(UNK)(UNK)(UNK)(UNK)(UNK)(UNK)(UNK)WG(UNK)
GT(UNK)VTVSSHHHHHH
;
D,V
#
# COMPACT_ATOMS: atom_id res chain seq x y z
N GLU A 1 13.87 34.20 -27.78
CA GLU A 1 13.57 33.91 -29.18
C GLU A 1 12.51 32.82 -29.28
N VAL A 2 12.92 31.59 -29.01
CA VAL A 2 12.05 30.42 -29.10
C VAL A 2 11.54 30.09 -27.71
N GLN A 3 10.24 29.78 -27.62
CA GLN A 3 9.59 29.38 -26.38
C GLN A 3 9.01 27.98 -26.55
N LEU A 4 9.08 27.18 -25.49
CA LEU A 4 8.60 25.81 -25.51
C LEU A 4 7.84 25.52 -24.21
N GLN A 5 6.78 24.72 -24.31
CA GLN A 5 5.96 24.40 -23.15
C GLN A 5 5.43 22.98 -23.30
N GLU A 6 5.74 22.13 -22.32
CA GLU A 6 5.21 20.78 -22.32
C GLU A 6 3.81 20.74 -21.72
N SER A 7 3.07 19.68 -22.04
CA SER A 7 1.73 19.49 -21.50
C SER A 7 1.35 18.02 -21.67
N GLY A 8 0.68 17.48 -20.65
CA GLY A 8 0.24 16.10 -20.69
C GLY A 8 -0.10 15.57 -19.31
N PRO A 9 -0.66 14.37 -19.26
CA PRO A 9 -0.99 13.77 -17.96
C PRO A 9 0.25 13.46 -17.15
N GLY A 10 0.16 13.70 -15.85
CA GLY A 10 1.25 13.47 -14.92
C GLY A 10 1.24 12.14 -14.21
N LEU A 11 0.25 11.29 -14.47
CA LEU A 11 0.15 9.98 -13.85
C LEU A 11 -0.19 8.96 -14.91
N VAL A 12 0.60 7.89 -14.99
CA VAL A 12 0.42 6.84 -15.97
C VAL A 12 0.49 5.49 -15.26
N LYS A 13 -0.41 4.59 -15.63
CA LYS A 13 -0.32 3.22 -15.13
C LYS A 13 0.86 2.50 -15.76
N PRO A 14 1.48 1.57 -15.05
CA PRO A 14 2.55 0.77 -15.65
C PRO A 14 2.05 -0.07 -16.81
N SER A 15 2.98 -0.43 -17.70
CA SER A 15 2.73 -1.22 -18.90
C SER A 15 1.83 -0.51 -19.91
N GLN A 16 1.55 0.78 -19.70
CA GLN A 16 0.69 1.55 -20.60
C GLN A 16 1.51 2.67 -21.24
N SER A 17 0.84 3.57 -21.94
CA SER A 17 1.50 4.57 -22.76
C SER A 17 1.43 5.95 -22.12
N LEU A 18 2.53 6.69 -22.23
CA LEU A 18 2.62 8.09 -21.83
C LEU A 18 2.71 8.96 -23.07
N SER A 19 1.91 10.01 -23.11
CA SER A 19 1.88 10.93 -24.26
C SER A 19 2.04 12.37 -23.77
N LEU A 20 2.93 13.11 -24.42
CA LEU A 20 3.18 14.50 -24.09
C LEU A 20 3.20 15.34 -25.37
N THR A 21 3.01 16.64 -25.20
CA THR A 21 2.93 17.58 -26.30
C THR A 21 3.76 18.81 -25.98
N CYS A 22 4.57 19.25 -26.94
CA CYS A 22 5.41 20.44 -26.80
C CYS A 22 4.90 21.50 -27.77
N SER A 23 4.47 22.63 -27.23
CA SER A 23 3.98 23.75 -28.03
C SER A 23 5.11 24.75 -28.23
N VAL A 24 5.44 25.04 -29.48
CA VAL A 24 6.53 25.94 -29.84
C VAL A 24 5.93 27.25 -30.33
N ILE A 25 6.52 28.37 -29.88
CA ILE A 25 6.09 29.70 -30.27
C ILE A 25 7.30 30.53 -30.61
N GLY A 26 7.27 31.22 -31.75
CA GLY A 26 8.33 32.10 -32.18
C GLY A 26 9.29 31.50 -33.18
N TYR A 27 9.08 30.27 -33.61
CA TYR A 27 9.97 29.60 -34.55
C TYR A 27 9.27 28.39 -35.12
N SER A 28 9.37 28.21 -36.43
CA SER A 28 8.76 27.06 -37.10
C SER A 28 9.64 25.83 -36.93
N ILE A 29 9.04 24.72 -36.51
CA ILE A 29 9.79 23.48 -36.33
C ILE A 29 10.32 22.94 -37.65
N THR A 30 9.75 23.37 -38.78
CA THR A 30 10.22 22.97 -40.10
C THR A 30 11.37 23.84 -40.62
N SER A 31 11.82 24.82 -39.85
CA SER A 31 12.87 25.73 -40.28
C SER A 31 14.27 25.18 -40.05
N GLY A 32 14.46 24.40 -38.99
CA GLY A 32 15.78 23.86 -38.71
C GLY A 32 15.83 23.24 -37.33
N TYR A 33 17.03 22.83 -36.95
CA TYR A 33 17.33 22.25 -35.64
C TYR A 33 16.64 20.91 -35.41
N TYR A 34 17.22 20.09 -34.53
CA TYR A 34 16.53 18.91 -34.03
C TYR A 34 15.64 19.30 -32.85
N TRP A 35 14.50 18.64 -32.73
CA TRP A 35 13.56 18.90 -31.65
C TRP A 35 13.49 17.64 -30.78
N ASN A 36 14.08 17.72 -29.59
CA ASN A 36 14.35 16.54 -28.77
C ASN A 36 13.43 16.50 -27.55
N TRP A 37 13.31 15.30 -26.99
CA TRP A 37 12.68 15.08 -25.70
C TRP A 37 13.74 14.56 -24.74
N ILE A 38 13.94 15.28 -23.64
CA ILE A 38 14.98 14.96 -22.66
C ILE A 38 14.33 14.93 -21.28
N ARG A 39 14.54 13.84 -20.55
CA ARG A 39 13.97 13.67 -19.22
C ARG A 39 15.07 13.67 -18.17
N GLN A 40 14.66 13.85 -16.91
CA GLN A 40 15.57 13.87 -15.78
C GLN A 40 14.98 13.03 -14.66
N PHE A 41 15.67 11.95 -14.32
CA PHE A 41 15.24 11.09 -13.23
C PHE A 41 15.42 11.81 -11.89
N PRO A 42 14.75 11.33 -10.82
CA PRO A 42 14.89 11.96 -9.49
C PRO A 42 16.33 12.06 -9.02
N GLY A 43 17.18 11.16 -9.49
CA GLY A 43 18.60 11.27 -9.25
C GLY A 43 19.32 12.38 -9.97
N ASN A 44 18.58 13.26 -10.65
CA ASN A 44 19.12 14.37 -11.41
C ASN A 44 19.93 13.94 -12.62
N LYS A 45 19.77 12.69 -13.06
CA LYS A 45 20.46 12.20 -14.25
C LYS A 45 19.63 12.52 -15.49
N LEU A 46 20.28 13.08 -16.50
CA LEU A 46 19.62 13.48 -17.73
C LEU A 46 19.77 12.40 -18.80
N GLU A 47 18.69 12.15 -19.54
CA GLU A 47 18.69 11.14 -20.60
C GLU A 47 17.94 11.69 -21.80
N TRP A 48 18.64 11.85 -22.91
CA TRP A 48 18.00 12.24 -24.17
C TRP A 48 17.26 11.04 -24.76
N MET A 49 15.99 11.25 -25.11
CA MET A 49 15.15 10.15 -25.58
C MET A 49 15.13 10.06 -27.10
N GLY A 50 14.43 10.99 -27.75
CA GLY A 50 14.27 10.95 -29.19
C GLY A 50 14.37 12.33 -29.79
N SER A 51 14.25 12.39 -31.11
CA SER A 51 14.34 13.64 -31.84
C SER A 51 13.56 13.52 -33.14
N ILE A 52 12.99 14.65 -33.57
CA ILE A 52 12.43 14.78 -34.90
C ILE A 52 13.04 16.03 -35.54
N ASN A 53 13.47 15.91 -36.79
CA ASN A 53 14.17 17.00 -37.45
C ASN A 53 13.17 17.95 -38.10
N TYR A 54 13.69 18.99 -38.75
CA TYR A 54 12.83 19.94 -39.44
C TYR A 54 12.17 19.32 -40.67
N ASP A 55 12.85 18.37 -41.32
CA ASP A 55 12.29 17.68 -42.46
C ASP A 55 11.48 16.45 -42.08
N GLY A 56 11.37 16.15 -40.79
CA GLY A 56 10.51 15.09 -40.30
C GLY A 56 11.21 13.80 -39.92
N SER A 57 12.53 13.71 -40.14
CA SER A 57 13.24 12.49 -39.82
C SER A 57 13.32 12.29 -38.31
N ASN A 58 13.35 11.02 -37.90
CA ASN A 58 13.37 10.65 -36.50
C ASN A 58 14.73 10.07 -36.12
N ILE A 59 15.12 10.31 -34.87
CA ILE A 59 16.30 9.70 -34.28
C ILE A 59 15.95 9.34 -32.84
N TYR A 60 16.19 8.09 -32.47
CA TYR A 60 15.77 7.55 -31.19
C TYR A 60 16.94 6.99 -30.40
N ASN A 61 16.83 7.07 -29.09
CA ASN A 61 17.79 6.39 -28.21
C ASN A 61 17.63 4.89 -28.39
N PRO A 62 18.70 4.16 -28.70
CA PRO A 62 18.58 2.70 -28.88
C PRO A 62 18.00 1.99 -27.67
N SER A 63 18.11 2.55 -26.47
CA SER A 63 17.53 1.93 -25.28
C SER A 63 16.01 2.07 -25.22
N LEU A 64 15.41 2.89 -26.09
CA LEU A 64 13.97 3.09 -26.10
C LEU A 64 13.33 2.87 -27.46
N LYS A 65 14.09 2.47 -28.48
CA LYS A 65 13.59 2.46 -29.84
C LYS A 65 12.45 1.48 -30.05
N ASP A 66 12.31 0.47 -29.20
CA ASP A 66 11.24 -0.50 -29.35
C ASP A 66 9.91 0.01 -28.83
N ARG A 67 9.86 1.19 -28.21
CA ARG A 67 8.62 1.65 -27.59
C ARG A 67 8.49 3.18 -27.59
N ILE A 68 9.18 3.90 -28.47
CA ILE A 68 9.12 5.35 -28.52
C ILE A 68 8.64 5.77 -29.90
N SER A 69 7.97 6.93 -29.94
CA SER A 69 7.49 7.51 -31.19
C SER A 69 7.41 9.01 -31.04
N ILE A 70 8.07 9.74 -31.95
CA ILE A 70 8.10 11.19 -31.94
C ILE A 70 7.47 11.69 -33.23
N THR A 71 6.29 12.28 -33.13
CA THR A 71 5.57 12.83 -34.28
C THR A 71 5.51 14.35 -34.15
N ARG A 72 4.87 14.98 -35.14
CA ARG A 72 4.78 16.44 -35.16
C ARG A 72 3.52 16.86 -35.91
N ASP A 73 3.06 18.08 -35.61
CA ASP A 73 1.94 18.71 -36.30
C ASP A 73 2.39 20.12 -36.66
N THR A 74 2.78 20.32 -37.92
CA THR A 74 3.33 21.61 -38.34
C THR A 74 2.27 22.70 -38.39
N SER A 75 0.99 22.32 -38.52
CA SER A 75 -0.06 23.34 -38.55
C SER A 75 -0.22 24.01 -37.20
N LYS A 76 -0.14 23.24 -36.11
CA LYS A 76 -0.14 23.78 -34.77
C LYS A 76 1.26 24.09 -34.25
N ASN A 77 2.29 23.76 -35.03
CA ASN A 77 3.69 23.98 -34.64
C ASN A 77 4.03 23.23 -33.35
N GLN A 78 3.62 21.96 -33.30
CA GLN A 78 3.83 21.10 -32.14
C GLN A 78 4.55 19.83 -32.55
N PHE A 79 5.22 19.21 -31.58
CA PHE A 79 5.77 17.88 -31.74
C PHE A 79 5.52 17.10 -30.45
N PHE A 80 5.27 15.80 -30.60
CA PHE A 80 4.72 14.98 -29.54
C PHE A 80 5.70 13.87 -29.16
N LEU A 81 5.41 13.25 -28.01
CA LEU A 81 6.20 12.14 -27.48
C LEU A 81 5.26 11.03 -27.03
N LYS A 82 5.54 9.81 -27.47
CA LYS A 82 4.74 8.64 -27.09
C LYS A 82 5.69 7.54 -26.65
N LEU A 83 5.59 7.14 -25.39
CA LEU A 83 6.40 6.07 -24.82
C LEU A 83 5.47 4.91 -24.44
N ASN A 84 5.71 3.74 -25.03
CA ASN A 84 4.84 2.59 -24.85
C ASN A 84 5.36 1.66 -23.76
N SER A 85 4.41 0.99 -23.09
CA SER A 85 4.71 -0.01 -22.05
C SER A 85 5.69 0.55 -21.03
N VAL A 86 5.29 1.66 -20.41
CA VAL A 86 6.18 2.33 -19.47
C VAL A 86 6.23 1.55 -18.15
N THR A 87 7.33 1.75 -17.43
CA THR A 87 7.56 1.13 -16.13
C THR A 87 7.70 2.22 -15.07
N THR A 88 7.81 1.80 -13.81
CA THR A 88 8.09 2.75 -12.74
C THR A 88 9.48 3.37 -12.89
N GLU A 89 10.38 2.71 -13.63
CA GLU A 89 11.67 3.30 -13.95
C GLU A 89 11.57 4.48 -14.91
N ASP A 90 10.41 4.72 -15.50
CA ASP A 90 10.19 5.85 -16.39
C ASP A 90 9.72 7.10 -15.67
N THR A 91 9.59 7.04 -14.35
CA THR A 91 9.20 8.22 -13.58
C THR A 91 10.32 9.25 -13.63
N ALA A 92 10.03 10.42 -14.18
CA ALA A 92 11.02 11.48 -14.35
C ALA A 92 10.29 12.77 -14.69
N THR A 93 11.07 13.84 -14.83
CA THR A 93 10.56 15.13 -15.30
C THR A 93 11.00 15.30 -16.76
N TYR A 94 10.04 15.38 -17.66
CA TYR A 94 10.31 15.38 -19.09
C TYR A 94 10.39 16.81 -19.62
N TYR A 95 11.43 17.09 -20.39
CA TYR A 95 11.61 18.37 -21.06
C TYR A 95 11.58 18.18 -22.56
N CYS A 96 11.08 19.20 -23.26
CA CYS A 96 11.26 19.31 -24.70
C CYS A 96 12.20 20.47 -25.00
N ALA A 97 13.03 20.30 -26.02
CA ALA A 97 14.08 21.28 -26.31
C ALA A 97 14.32 21.34 -27.81
N ARG A 98 14.74 22.51 -28.28
CA ARG A 98 15.16 22.71 -29.66
C ARG A 98 16.69 22.63 -29.70
N GLY A 99 17.22 21.54 -30.24
CA GLY A 99 18.65 21.41 -30.47
C GLY A 99 19.54 21.62 -29.27
N GLY A 100 18.96 21.82 -28.09
CA GLY A 100 19.73 21.98 -26.87
C GLY A 100 19.99 23.40 -26.43
N ASP A 101 19.43 24.40 -27.11
CA ASP A 101 19.63 25.78 -26.71
C ASP A 101 18.38 26.46 -26.14
N TYR A 102 17.22 25.81 -26.24
CA TYR A 102 15.99 26.35 -25.67
C TYR A 102 15.20 25.19 -25.05
N TRP A 103 14.88 25.31 -23.77
CA TRP A 103 14.23 24.25 -23.03
C TRP A 103 12.86 24.70 -22.54
N GLY A 104 11.96 23.74 -22.35
CA GLY A 104 10.67 23.99 -21.75
C GLY A 104 10.77 24.06 -20.23
N GLN A 105 9.60 24.17 -19.61
CA GLN A 105 9.56 24.24 -18.15
C GLN A 105 9.72 22.88 -17.50
N GLY A 106 9.26 21.82 -18.16
CA GLY A 106 9.35 20.49 -17.60
C GLY A 106 8.06 20.03 -16.97
N THR A 107 7.65 18.80 -17.29
CA THR A 107 6.45 18.20 -16.74
C THR A 107 6.83 16.96 -15.94
N SER A 108 6.34 16.86 -14.72
CA SER A 108 6.63 15.73 -13.84
C SER A 108 5.62 14.63 -14.10
N VAL A 109 6.10 13.49 -14.59
CA VAL A 109 5.27 12.32 -14.87
C VAL A 109 5.67 11.22 -13.90
N THR A 110 4.68 10.64 -13.22
CA THR A 110 4.89 9.55 -12.29
C THR A 110 4.17 8.31 -12.81
N VAL A 111 4.86 7.18 -12.80
CA VAL A 111 4.30 5.90 -13.23
C VAL A 111 4.13 5.03 -12.00
N SER A 112 2.89 4.65 -11.70
CA SER A 112 2.60 3.90 -10.49
C SER A 112 1.25 3.22 -10.60
N SER A 113 1.13 2.07 -9.92
CA SER A 113 -0.13 1.36 -9.79
C SER A 113 -0.91 1.78 -8.56
N ALA A 114 -0.40 2.73 -7.77
CA ALA A 114 -1.07 3.15 -6.55
C ALA A 114 -2.26 4.05 -6.87
N SER A 115 -3.31 3.92 -6.07
CA SER A 115 -4.49 4.75 -6.21
C SER A 115 -4.41 5.95 -5.27
N THR A 116 -5.30 6.91 -5.48
CA THR A 116 -5.33 8.11 -4.67
C THR A 116 -5.63 7.75 -3.21
N LYS A 117 -4.84 8.30 -2.30
CA LYS A 117 -5.03 8.05 -0.88
C LYS A 117 -4.59 9.26 -0.07
N GLY A 118 -5.37 9.60 0.95
CA GLY A 118 -5.03 10.66 1.86
C GLY A 118 -4.02 10.18 2.90
N PRO A 119 -3.24 11.11 3.45
CA PRO A 119 -2.18 10.72 4.38
C PRO A 119 -2.63 10.65 5.82
N SER A 120 -1.95 9.78 6.56
CA SER A 120 -2.08 9.75 8.02
C SER A 120 -1.05 10.71 8.61
N VAL A 121 -1.49 11.55 9.54
CA VAL A 121 -0.65 12.56 10.17
C VAL A 121 -0.48 12.22 11.65
N PHE A 122 0.76 12.12 12.09
CA PHE A 122 1.06 11.77 13.47
C PHE A 122 1.97 12.81 14.10
N PRO A 123 1.75 13.14 15.38
CA PRO A 123 2.58 14.15 16.04
C PRO A 123 3.94 13.59 16.46
N LEU A 124 4.98 14.38 16.19
CA LEU A 124 6.32 14.09 16.69
C LEU A 124 6.54 14.95 17.93
N ALA A 125 6.07 14.43 19.07
CA ALA A 125 6.03 15.21 20.28
C ALA A 125 7.44 15.52 20.78
N PRO A 126 7.65 16.69 21.38
CA PRO A 126 8.96 17.00 21.96
C PRO A 126 9.26 16.09 23.13
N SER A 127 10.54 15.69 23.24
CA SER A 127 10.94 14.70 24.23
C SER A 127 10.84 15.27 25.64
N SER A 128 11.10 14.40 26.62
CA SER A 128 11.07 14.80 28.03
C SER A 128 12.31 15.60 28.42
N LYS A 129 13.41 15.42 27.72
CA LYS A 129 14.66 16.13 28.01
C LYS A 129 14.79 17.30 27.04
N SER A 130 14.45 18.49 27.50
CA SER A 130 14.60 19.71 26.70
C SER A 130 15.20 20.79 27.58
N THR A 131 16.37 21.29 27.20
CA THR A 131 17.05 22.33 27.96
C THR A 131 16.31 23.66 27.85
N GLY A 134 16.81 26.47 26.35
CA GLY A 134 17.36 25.66 25.28
C GLY A 134 16.45 25.58 24.07
N THR A 135 16.73 24.63 23.19
CA THR A 135 15.98 24.46 21.94
C THR A 135 15.30 23.10 21.95
N ALA A 136 13.99 23.10 21.74
CA ALA A 136 13.21 21.88 21.62
C ALA A 136 12.83 21.65 20.15
N ALA A 137 12.54 20.39 19.83
CA ALA A 137 12.19 20.00 18.46
C ALA A 137 10.88 19.23 18.49
N LEU A 138 9.97 19.59 17.58
CA LEU A 138 8.71 18.89 17.42
C LEU A 138 8.34 18.90 15.94
N GLY A 139 7.39 18.05 15.58
CA GLY A 139 6.99 17.99 14.19
C GLY A 139 5.81 17.08 13.96
N CYS A 140 5.58 16.77 12.69
CA CYS A 140 4.48 15.90 12.27
C CYS A 140 4.99 14.92 11.23
N LEU A 141 4.42 13.72 11.25
CA LEU A 141 4.75 12.67 10.30
C LEU A 141 3.58 12.49 9.33
N VAL A 142 3.85 12.72 8.05
CA VAL A 142 2.84 12.59 7.00
C VAL A 142 3.17 11.32 6.23
N LYS A 143 2.47 10.23 6.55
CA LYS A 143 2.83 8.91 6.08
C LYS A 143 1.70 8.30 5.26
N ASP A 144 2.08 7.55 4.22
CA ASP A 144 1.17 6.75 3.42
C ASP A 144 0.15 7.60 2.66
N TYR A 145 0.55 8.14 1.51
CA TYR A 145 -0.35 8.88 0.65
C TYR A 145 0.12 8.75 -0.80
N PHE A 146 -0.81 9.04 -1.72
CA PHE A 146 -0.51 9.03 -3.15
C PHE A 146 -1.56 9.86 -3.85
N PRO A 147 -1.18 10.69 -4.84
CA PRO A 147 0.17 10.94 -5.32
C PRO A 147 0.80 12.20 -4.73
N GLU A 148 1.96 12.58 -5.25
CA GLU A 148 2.60 13.83 -4.88
C GLU A 148 1.81 15.00 -5.47
N PRO A 149 1.93 16.20 -4.89
CA PRO A 149 2.64 16.52 -3.65
C PRO A 149 1.70 16.79 -2.48
N VAL A 150 2.26 17.10 -1.32
CA VAL A 150 1.49 17.49 -0.14
C VAL A 150 2.16 18.70 0.47
N THR A 151 1.37 19.60 1.03
CA THR A 151 1.87 20.83 1.61
C THR A 151 1.64 20.81 3.12
N VAL A 152 2.58 21.42 3.85
CA VAL A 152 2.54 21.47 5.31
C VAL A 152 2.83 22.89 5.76
N SER A 153 1.95 23.43 6.60
CA SER A 153 2.18 24.70 7.29
C SER A 153 2.09 24.46 8.80
N TRP A 154 2.55 25.45 9.56
CA TRP A 154 2.53 25.40 11.01
C TRP A 154 1.84 26.63 11.56
N ASN A 155 0.87 26.43 12.45
CA ASN A 155 0.10 27.51 13.05
C ASN A 155 -0.55 28.40 11.99
N SER A 156 -1.09 27.75 10.94
CA SER A 156 -1.77 28.44 9.84
C SER A 156 -0.84 29.42 9.12
N GLY A 157 0.46 29.14 9.13
CA GLY A 157 1.44 30.00 8.51
C GLY A 157 2.10 30.99 9.45
N ALA A 158 1.69 31.05 10.71
CA ALA A 158 2.28 31.97 11.67
C ALA A 158 3.65 31.51 12.16
N LEU A 159 4.08 30.31 11.81
CA LEU A 159 5.38 29.77 12.22
C LEU A 159 6.13 29.32 10.97
N THR A 160 7.12 30.10 10.56
CA THR A 160 7.94 29.78 9.41
C THR A 160 9.42 29.64 9.74
N SER A 161 9.90 30.29 10.79
CA SER A 161 11.30 30.17 11.15
C SER A 161 11.58 28.83 11.79
N GLY A 162 12.74 28.25 11.46
CA GLY A 162 13.12 26.96 12.01
C GLY A 162 12.30 25.79 11.54
N VAL A 163 11.53 25.95 10.46
CA VAL A 163 10.69 24.89 9.93
C VAL A 163 11.43 24.17 8.81
N HIS A 164 11.35 22.84 8.81
CA HIS A 164 11.94 22.01 7.77
C HIS A 164 10.94 20.93 7.39
N THR A 165 10.41 21.01 6.17
CA THR A 165 9.57 19.95 5.60
C THR A 165 10.40 19.18 4.59
N PHE A 166 10.67 17.92 4.88
CA PHE A 166 11.59 17.12 4.08
C PHE A 166 10.93 16.66 2.78
N PRO A 167 11.75 16.42 1.75
CA PRO A 167 11.20 15.83 0.52
C PRO A 167 10.64 14.45 0.78
N ALA A 168 9.56 14.12 0.07
CA ALA A 168 8.88 12.85 0.28
C ALA A 168 9.76 11.70 -0.19
N VAL A 169 9.57 10.54 0.45
CA VAL A 169 10.27 9.31 0.11
C VAL A 169 9.23 8.26 -0.28
N LEU A 170 9.49 7.57 -1.38
CA LEU A 170 8.60 6.51 -1.84
C LEU A 170 8.92 5.23 -1.08
N GLN A 171 7.99 4.80 -0.23
CA GLN A 171 8.18 3.59 0.56
C GLN A 171 8.08 2.36 -0.34
N SER A 172 8.37 1.19 0.26
CA SER A 172 8.29 -0.05 -0.50
C SER A 172 6.85 -0.38 -0.87
N SER A 173 5.88 0.12 -0.10
CA SER A 173 4.47 -0.12 -0.39
C SER A 173 3.98 0.64 -1.62
N GLY A 174 4.74 1.60 -2.12
CA GLY A 174 4.32 2.42 -3.23
C GLY A 174 3.71 3.75 -2.85
N LEU A 175 3.71 4.11 -1.57
CA LEU A 175 3.18 5.36 -1.09
C LEU A 175 4.30 6.28 -0.65
N TYR A 176 4.00 7.57 -0.56
CA TYR A 176 4.97 8.58 -0.15
C TYR A 176 4.83 8.86 1.33
N SER A 177 5.94 9.24 1.95
CA SER A 177 5.98 9.57 3.36
C SER A 177 6.99 10.68 3.58
N LEU A 178 6.67 11.60 4.50
CA LEU A 178 7.57 12.68 4.85
C LEU A 178 7.29 13.12 6.28
N SER A 179 8.15 14.01 6.76
CA SER A 179 7.98 14.64 8.06
C SER A 179 8.30 16.12 7.93
N SER A 180 7.70 16.92 8.80
CA SER A 180 7.96 18.35 8.87
C SER A 180 8.29 18.71 10.30
N VAL A 181 9.52 19.15 10.54
CA VAL A 181 10.01 19.42 11.88
C VAL A 181 10.21 20.92 12.04
N VAL A 182 10.15 21.37 13.29
CA VAL A 182 10.36 22.78 13.62
C VAL A 182 11.01 22.85 15.00
N THR A 183 12.08 23.63 15.10
CA THR A 183 12.80 23.83 16.35
C THR A 183 12.31 25.10 17.02
N VAL A 184 11.85 24.98 18.26
CA VAL A 184 11.28 26.10 19.00
C VAL A 184 11.97 26.20 20.35
N PRO A 185 11.90 27.35 21.01
CA PRO A 185 12.46 27.45 22.37
C PRO A 185 11.76 26.50 23.33
N SER A 186 12.52 25.95 24.27
CA SER A 186 11.94 25.08 25.28
C SER A 186 11.02 25.82 26.23
N SER A 187 11.19 27.14 26.36
CA SER A 187 10.32 27.94 27.22
C SER A 187 8.93 28.16 26.65
N SER A 188 8.71 27.82 25.38
CA SER A 188 7.42 28.03 24.74
C SER A 188 6.54 26.79 24.75
N LEU A 189 7.08 25.62 25.10
CA LEU A 189 6.31 24.39 25.08
C LEU A 189 5.13 24.42 26.04
N GLY A 190 5.17 25.26 27.06
CA GLY A 190 4.09 25.33 28.02
C GLY A 190 3.09 26.43 27.75
N THR A 191 3.48 27.44 26.98
CA THR A 191 2.64 28.59 26.70
C THR A 191 2.21 28.68 25.23
N GLN A 192 3.09 28.35 24.30
CA GLN A 192 2.80 28.49 22.88
C GLN A 192 2.27 27.17 22.32
N THR A 193 1.15 27.26 21.61
CA THR A 193 0.55 26.10 20.96
C THR A 193 1.19 25.90 19.59
N TYR A 194 1.35 24.63 19.20
CA TYR A 194 1.93 24.27 17.91
C TYR A 194 1.00 23.27 17.21
N ILE A 195 0.54 23.64 16.02
CA ILE A 195 -0.36 22.82 15.22
C ILE A 195 0.21 22.76 13.81
N CYS A 196 0.26 21.56 13.23
CA CYS A 196 0.69 21.38 11.85
C CYS A 196 -0.53 21.23 10.95
N ASN A 197 -0.48 21.85 9.78
CA ASN A 197 -1.59 21.86 8.83
C ASN A 197 -1.13 21.16 7.55
N VAL A 198 -1.66 19.96 7.31
CA VAL A 198 -1.29 19.14 6.17
C VAL A 198 -2.40 19.24 5.12
N ASN A 199 -2.02 19.48 3.87
CA ASN A 199 -2.98 19.71 2.79
C ASN A 199 -2.59 18.86 1.59
N HIS A 200 -3.47 17.93 1.22
CA HIS A 200 -3.27 17.05 0.08
C HIS A 200 -4.46 17.22 -0.87
N LYS A 201 -4.20 17.83 -2.03
CA LYS A 201 -5.31 18.15 -2.95
C LYS A 201 -5.90 16.93 -3.63
N PRO A 202 -5.11 15.99 -4.20
CA PRO A 202 -5.74 14.88 -4.93
C PRO A 202 -6.72 14.06 -4.11
N SER A 203 -6.55 14.00 -2.80
CA SER A 203 -7.51 13.31 -1.93
C SER A 203 -8.46 14.27 -1.23
N ASN A 204 -8.27 15.58 -1.40
CA ASN A 204 -9.07 16.61 -0.75
C ASN A 204 -9.14 16.37 0.77
N THR A 205 -7.96 16.32 1.38
CA THR A 205 -7.83 16.09 2.81
C THR A 205 -7.06 17.24 3.44
N LYS A 206 -7.52 17.67 4.61
CA LYS A 206 -6.89 18.74 5.37
C LYS A 206 -6.87 18.32 6.83
N VAL A 207 -5.68 18.18 7.40
CA VAL A 207 -5.50 17.67 8.75
C VAL A 207 -4.78 18.72 9.58
N ASP A 208 -5.33 19.03 10.75
CA ASP A 208 -4.70 19.90 11.73
C ASP A 208 -4.50 19.11 13.02
N LYS A 209 -3.25 18.76 13.33
CA LYS A 209 -2.90 17.98 14.50
C LYS A 209 -2.07 18.84 15.44
N ARG A 210 -2.53 18.96 16.69
CA ARG A 210 -1.78 19.68 17.71
C ARG A 210 -0.67 18.79 18.24
N VAL A 211 0.56 19.31 18.23
CA VAL A 211 1.72 18.58 18.74
C VAL A 211 1.95 19.07 20.17
N GLU A 212 1.56 18.25 21.14
CA GLU A 212 1.61 18.54 22.57
C GLU A 212 2.87 17.95 23.20
N PRO A 213 3.44 18.64 24.20
CA PRO A 213 4.61 18.14 24.94
C PRO A 213 4.31 16.83 25.68
N ASP B 1 26.65 4.70 -25.65
CA ASP B 1 27.97 4.41 -26.20
C ASP B 1 29.05 5.17 -25.43
N ILE B 2 29.09 6.48 -25.65
CA ILE B 2 30.10 7.34 -25.05
C ILE B 2 29.67 7.70 -23.64
N VAL B 3 30.54 7.45 -22.66
CA VAL B 3 30.25 7.68 -21.25
C VAL B 3 31.05 8.88 -20.78
N LEU B 4 30.38 9.83 -20.15
CA LEU B 4 31.02 11.03 -19.63
C LEU B 4 31.13 10.91 -18.11
N THR B 5 32.34 11.13 -17.59
CA THR B 5 32.62 11.06 -16.16
C THR B 5 33.01 12.45 -15.68
N GLN B 6 32.14 13.08 -14.89
CA GLN B 6 32.39 14.41 -14.35
C GLN B 6 33.01 14.29 -12.97
N THR B 7 34.07 15.06 -12.74
CA THR B 7 34.79 15.04 -11.47
C THR B 7 35.08 16.48 -11.03
N PRO B 8 34.87 16.79 -9.74
CA PRO B 8 34.33 15.92 -8.69
C PRO B 8 32.80 15.87 -8.74
N ALA B 9 32.17 15.03 -7.91
CA ALA B 9 30.71 15.00 -7.89
C ALA B 9 30.15 16.26 -7.25
N ILE B 10 30.70 16.68 -6.12
CA ILE B 10 30.31 17.88 -5.42
C ILE B 10 31.53 18.79 -5.28
N MET B 11 31.32 20.09 -5.43
CA MET B 11 32.39 21.08 -5.37
C MET B 11 31.95 22.21 -4.47
N SER B 12 32.54 22.30 -3.28
CA SER B 12 32.28 23.41 -2.36
C SER B 12 33.32 24.49 -2.59
N ALA B 13 32.84 25.74 -2.76
CA ALA B 13 33.71 26.85 -3.08
C ALA B 13 33.22 28.11 -2.39
N SER B 14 34.18 28.92 -1.91
CA SER B 14 33.93 30.24 -1.32
C SER B 14 34.03 31.32 -2.39
N PRO B 15 33.35 32.44 -2.20
CA PRO B 15 33.42 33.53 -3.18
C PRO B 15 34.85 34.02 -3.36
N GLY B 16 35.28 34.08 -4.63
CA GLY B 16 36.60 34.55 -4.98
C GLY B 16 37.60 33.48 -5.36
N GLU B 17 37.21 32.21 -5.31
CA GLU B 17 38.13 31.12 -5.61
C GLU B 17 38.03 30.70 -7.07
N LYS B 18 39.08 30.03 -7.54
CA LYS B 18 39.12 29.48 -8.89
C LYS B 18 38.56 28.06 -8.86
N VAL B 19 37.55 27.81 -9.68
CA VAL B 19 36.90 26.51 -9.74
C VAL B 19 37.13 25.91 -11.12
N THR B 20 37.47 24.63 -11.15
CA THR B 20 37.69 23.91 -12.40
C THR B 20 36.94 22.59 -12.33
N LEU B 21 36.04 22.36 -13.29
CA LEU B 21 35.28 21.13 -13.38
C LEU B 21 35.78 20.34 -14.59
N THR B 22 35.99 19.04 -14.41
CA THR B 22 36.54 18.18 -15.44
C THR B 22 35.48 17.19 -15.92
N CYS B 23 35.48 16.94 -17.23
CA CYS B 23 34.56 16.00 -17.87
C CYS B 23 35.38 15.10 -18.77
N SER B 24 35.57 13.84 -18.36
CA SER B 24 36.35 12.88 -19.11
C SER B 24 35.43 11.96 -19.93
N ALA B 25 35.82 11.70 -21.17
CA ALA B 25 35.05 10.87 -22.07
C ALA B 25 35.78 9.55 -22.34
N SER B 26 35.01 8.47 -22.43
CA SER B 26 35.61 7.16 -22.67
C SER B 26 36.23 7.08 -24.07
N SER B 27 35.65 7.75 -25.05
CA SER B 27 36.20 7.83 -26.39
C SER B 27 36.35 9.30 -26.77
N SER B 28 37.09 9.53 -27.85
CA SER B 28 37.36 10.89 -28.31
C SER B 28 36.04 11.61 -28.60
N VAL B 29 36.06 12.92 -28.39
CA VAL B 29 34.88 13.77 -28.53
C VAL B 29 35.25 15.00 -29.33
N SER B 30 34.42 15.32 -30.33
CA SER B 30 34.70 16.49 -31.17
C SER B 30 34.46 17.79 -30.40
N TYR B 31 33.31 17.91 -29.75
CA TYR B 31 32.95 19.11 -29.01
C TYR B 31 32.17 18.74 -27.76
N MET B 32 32.48 19.40 -26.65
CA MET B 32 31.78 19.19 -25.39
C MET B 32 31.02 20.47 -25.04
N HIS B 33 29.76 20.32 -24.67
CA HIS B 33 28.92 21.43 -24.25
C HIS B 33 28.65 21.32 -22.75
N TRP B 34 28.27 22.44 -22.15
CA TRP B 34 28.02 22.50 -20.71
C TRP B 34 26.66 23.16 -20.46
N PHE B 35 25.95 22.65 -19.45
CA PHE B 35 24.63 23.15 -19.08
C PHE B 35 24.60 23.49 -17.60
N GLN B 36 23.97 24.61 -17.27
CA GLN B 36 23.75 25.01 -15.89
C GLN B 36 22.31 24.72 -15.49
N GLN B 37 22.12 24.34 -14.23
CA GLN B 37 20.79 24.09 -13.70
C GLN B 37 20.76 24.40 -12.22
N LYS B 38 19.81 25.22 -11.80
CA LYS B 38 19.64 25.54 -10.39
C LYS B 38 18.36 24.92 -9.85
N THR B 41 14.43 24.08 -11.87
CA THR B 41 14.74 25.00 -12.97
C THR B 41 15.19 24.21 -14.19
N SER B 42 14.81 24.67 -15.37
CA SER B 42 15.21 24.03 -16.60
C SER B 42 16.72 24.21 -16.82
N PRO B 43 17.38 23.21 -17.41
CA PRO B 43 18.81 23.36 -17.72
C PRO B 43 19.03 24.43 -18.77
N LYS B 44 19.92 25.37 -18.46
CA LYS B 44 20.28 26.44 -19.38
C LYS B 44 21.59 26.09 -20.08
N ARG B 45 21.64 26.35 -21.39
CA ARG B 45 22.89 26.21 -22.12
C ARG B 45 23.87 27.26 -21.62
N TRP B 46 25.04 26.81 -21.17
CA TRP B 46 26.05 27.68 -20.57
C TRP B 46 27.32 27.79 -21.40
N ILE B 47 27.81 26.68 -21.92
CA ILE B 47 28.98 26.65 -22.80
C ILE B 47 28.67 25.69 -23.93
N TYR B 48 28.76 26.17 -25.17
CA TYR B 48 28.59 25.34 -26.35
C TYR B 48 29.81 25.44 -27.24
N ASP B 49 30.03 24.39 -28.03
CA ASP B 49 31.20 24.29 -28.91
C ASP B 49 32.50 24.47 -28.12
N THR B 50 32.57 23.74 -27.00
CA THR B 50 33.75 23.65 -26.13
C THR B 50 34.04 24.97 -25.41
N SER B 51 34.08 26.09 -26.13
CA SER B 51 34.54 27.34 -25.54
C SER B 51 33.66 28.55 -25.84
N LYS B 52 32.58 28.41 -26.59
CA LYS B 52 31.71 29.54 -26.86
C LYS B 52 30.74 29.75 -25.70
N LEU B 53 30.60 31.00 -25.27
CA LEU B 53 29.73 31.35 -24.16
C LEU B 53 28.32 31.62 -24.68
N ALA B 54 27.33 31.07 -23.98
CA ALA B 54 25.94 31.28 -24.36
C ALA B 54 25.45 32.62 -23.81
N SER B 55 24.15 32.88 -24.01
CA SER B 55 23.59 34.15 -23.57
C SER B 55 23.48 34.20 -22.06
N GLY B 56 23.92 35.31 -21.48
CA GLY B 56 23.82 35.51 -20.05
C GLY B 56 24.93 34.91 -19.22
N VAL B 57 26.09 34.64 -19.80
CA VAL B 57 27.20 34.01 -19.11
C VAL B 57 28.27 35.08 -18.85
N PRO B 58 28.67 35.29 -17.59
CA PRO B 58 29.74 36.26 -17.32
C PRO B 58 31.07 35.81 -17.90
N ALA B 59 31.96 36.77 -18.09
CA ALA B 59 33.25 36.50 -18.71
C ALA B 59 34.16 35.65 -17.84
N ARG B 60 33.86 35.52 -16.54
CA ARG B 60 34.69 34.70 -15.67
C ARG B 60 34.62 33.22 -16.00
N PHE B 61 33.56 32.78 -16.67
CA PHE B 61 33.47 31.39 -17.11
C PHE B 61 34.33 31.16 -18.34
N SER B 62 34.84 29.93 -18.46
CA SER B 62 35.69 29.57 -19.59
C SER B 62 35.61 28.06 -19.80
N GLY B 63 35.63 27.66 -21.07
CA GLY B 63 35.63 26.25 -21.43
C GLY B 63 36.83 25.91 -22.28
N SER B 64 37.28 24.65 -22.17
CA SER B 64 38.44 24.19 -22.91
C SER B 64 38.43 22.66 -22.92
N GLY B 65 39.38 22.10 -23.64
CA GLY B 65 39.55 20.66 -23.70
C GLY B 65 39.52 20.15 -25.13
N SER B 66 39.73 18.84 -25.25
CA SER B 66 39.79 18.17 -26.54
C SER B 66 39.92 16.67 -26.30
N GLY B 67 39.66 15.90 -27.36
CA GLY B 67 39.81 14.46 -27.32
C GLY B 67 38.92 13.79 -26.28
N THR B 68 39.51 13.42 -25.14
CA THR B 68 38.79 12.70 -24.10
C THR B 68 38.73 13.46 -22.78
N SER B 69 39.20 14.70 -22.73
CA SER B 69 39.20 15.47 -21.48
C SER B 69 38.82 16.91 -21.79
N TYR B 70 37.73 17.38 -21.19
CA TYR B 70 37.28 18.76 -21.32
C TYR B 70 37.10 19.36 -19.94
N SER B 71 37.21 20.68 -19.86
CA SER B 71 37.16 21.38 -18.59
C SER B 71 36.26 22.61 -18.69
N LEU B 72 35.72 22.99 -17.53
CA LEU B 72 35.02 24.26 -17.34
C LEU B 72 35.67 24.99 -16.19
N THR B 73 36.04 26.24 -16.42
CA THR B 73 36.79 27.02 -15.44
C THR B 73 36.04 28.29 -15.07
N ILE B 74 36.01 28.59 -13.78
CA ILE B 74 35.50 29.84 -13.25
C ILE B 74 36.66 30.55 -12.57
N SER B 75 37.05 31.71 -13.10
CA SER B 75 38.21 32.43 -12.58
C SER B 75 38.00 32.82 -11.12
N SER B 76 36.96 33.61 -10.86
CA SER B 76 36.62 34.04 -9.50
C SER B 76 35.14 33.68 -9.28
N MET B 77 34.90 32.59 -8.55
CA MET B 77 33.55 32.11 -8.34
C MET B 77 32.75 33.10 -7.51
N GLU B 78 31.47 33.26 -7.87
CA GLU B 78 30.54 34.10 -7.13
C GLU B 78 29.44 33.24 -6.52
N ALA B 79 28.71 33.84 -5.58
CA ALA B 79 27.62 33.14 -4.90
C ALA B 79 26.49 32.78 -5.86
N GLU B 80 26.34 33.52 -6.96
CA GLU B 80 25.31 33.21 -7.94
C GLU B 80 25.68 32.05 -8.85
N ASP B 81 26.92 31.57 -8.78
CA ASP B 81 27.38 30.47 -9.61
C ASP B 81 27.07 29.10 -9.01
N ALA B 82 26.44 29.05 -7.85
CA ALA B 82 26.14 27.79 -7.20
C ALA B 82 25.02 27.07 -7.95
N ALA B 83 25.36 25.98 -8.62
CA ALA B 83 24.40 25.22 -9.41
C ALA B 83 25.01 23.86 -9.74
N ALA B 84 24.28 23.09 -10.55
CA ALA B 84 24.77 21.83 -11.10
C ALA B 84 25.18 22.06 -12.55
N TYR B 85 26.30 21.46 -12.94
CA TYR B 85 26.87 21.65 -14.27
C TYR B 85 27.05 20.31 -14.95
N TYR B 86 26.38 20.15 -16.10
CA TYR B 86 26.41 18.91 -16.87
C TYR B 86 27.16 19.14 -18.17
N CYS B 87 28.12 18.27 -18.48
CA CYS B 87 28.73 18.26 -19.79
C CYS B 87 27.91 17.37 -20.72
N GLN B 88 27.82 17.78 -21.97
CA GLN B 88 26.97 17.12 -22.97
C GLN B 88 27.76 16.91 -24.25
N GLN B 89 27.50 15.78 -24.92
CA GLN B 89 28.22 15.39 -26.12
C GLN B 89 27.25 14.80 -27.12
N TRP B 90 27.50 15.06 -28.40
CA TRP B 90 26.70 14.53 -29.50
C TRP B 90 27.59 13.74 -30.45
N SER B 91 27.14 12.54 -30.80
CA SER B 91 27.86 11.66 -31.71
C SER B 91 26.96 11.31 -32.90
N SER B 92 27.59 10.97 -34.02
CA SER B 92 26.88 10.78 -35.28
C SER B 92 26.87 9.32 -35.73
N ASP B 93 28.04 8.69 -35.87
CA ASP B 93 28.09 7.34 -36.43
C ASP B 93 27.27 6.35 -35.60
N PRO B 94 27.43 6.26 -34.28
CA PRO B 94 26.36 5.70 -33.46
C PRO B 94 25.59 6.83 -32.80
N PRO B 95 24.48 7.25 -33.40
CA PRO B 95 23.82 8.50 -32.97
C PRO B 95 23.32 8.42 -31.53
N MET B 96 23.85 9.30 -30.69
CA MET B 96 23.50 9.32 -29.28
C MET B 96 23.88 10.67 -28.68
N LEU B 97 22.98 11.22 -27.87
CA LEU B 97 23.19 12.48 -27.17
C LEU B 97 23.33 12.17 -25.68
N THR B 98 24.57 12.18 -25.20
CA THR B 98 24.87 11.74 -23.84
C THR B 98 25.11 12.94 -22.93
N PHE B 99 24.60 12.84 -21.70
CA PHE B 99 24.87 13.82 -20.65
C PHE B 99 25.78 13.23 -19.60
N GLY B 100 26.55 14.09 -18.94
CA GLY B 100 27.31 13.68 -17.78
C GLY B 100 26.45 13.69 -16.52
N ALA B 101 26.98 13.05 -15.48
CA ALA B 101 26.23 12.94 -14.23
C ALA B 101 26.07 14.29 -13.53
N GLY B 102 26.89 15.28 -13.87
CA GLY B 102 26.76 16.60 -13.29
C GLY B 102 27.65 16.83 -12.08
N THR B 103 28.22 18.02 -11.99
CA THR B 103 29.01 18.43 -10.83
C THR B 103 28.24 19.49 -10.07
N LYS B 104 28.01 19.26 -8.78
CA LYS B 104 27.25 20.16 -7.93
C LYS B 104 28.20 21.16 -7.30
N LEU B 105 28.10 22.43 -7.71
CA LEU B 105 28.87 23.52 -7.15
C LEU B 105 28.02 24.22 -6.10
N GLU B 106 28.43 24.14 -4.84
CA GLU B 106 27.67 24.70 -3.74
C GLU B 106 28.47 25.82 -3.07
N LEU B 107 27.74 26.72 -2.41
CA LEU B 107 28.35 27.79 -1.65
C LEU B 107 28.86 27.27 -0.32
N LYS B 108 30.11 27.59 0.02
CA LYS B 108 30.72 27.09 1.24
C LYS B 108 30.45 28.03 2.40
N ARG B 109 30.10 27.46 3.55
CA ARG B 109 29.93 28.21 4.78
C ARG B 109 30.74 27.55 5.89
N THR B 110 30.60 28.07 7.12
CA THR B 110 31.35 27.52 8.23
C THR B 110 30.79 26.16 8.65
N VAL B 111 31.64 25.39 9.34
CA VAL B 111 31.24 24.07 9.82
C VAL B 111 30.24 24.24 10.95
N ALA B 112 29.10 23.56 10.84
CA ALA B 112 28.08 23.55 11.88
C ALA B 112 27.71 22.10 12.16
N ALA B 113 27.84 21.68 13.42
CA ALA B 113 27.47 20.34 13.80
C ALA B 113 25.96 20.20 13.88
N PRO B 114 25.42 19.03 13.56
CA PRO B 114 23.97 18.85 13.61
C PRO B 114 23.46 18.73 15.04
N SER B 115 22.31 19.35 15.29
CA SER B 115 21.56 19.13 16.52
C SER B 115 20.63 17.95 16.29
N VAL B 116 20.84 16.88 17.04
CA VAL B 116 20.15 15.62 16.80
C VAL B 116 18.99 15.49 17.77
N PHE B 117 17.91 14.86 17.30
CA PHE B 117 16.71 14.66 18.09
C PHE B 117 16.10 13.32 17.73
N ILE B 118 15.52 12.65 18.72
CA ILE B 118 14.88 11.36 18.52
C ILE B 118 13.40 11.50 18.88
N PHE B 119 12.55 10.78 18.14
CA PHE B 119 11.11 10.85 18.31
C PHE B 119 10.55 9.44 18.35
N PRO B 120 9.96 8.99 19.45
CA PRO B 120 9.35 7.66 19.50
C PRO B 120 8.07 7.62 18.68
N PRO B 121 7.59 6.44 18.32
CA PRO B 121 6.29 6.35 17.65
C PRO B 121 5.17 6.82 18.56
N SER B 122 4.24 7.56 18.00
CA SER B 122 3.09 8.01 18.77
C SER B 122 2.11 6.88 18.99
N ASP B 123 1.25 7.04 20.00
CA ASP B 123 0.20 6.05 20.22
C ASP B 123 -0.79 6.01 19.07
N GLU B 124 -1.02 7.15 18.40
CA GLU B 124 -1.93 7.18 17.27
C GLU B 124 -1.41 6.34 16.12
N GLN B 125 -0.09 6.31 15.90
CA GLN B 125 0.46 5.47 14.86
C GLN B 125 0.49 4.00 15.26
N LEU B 126 0.63 3.72 16.56
CA LEU B 126 0.66 2.33 17.01
C LEU B 126 -0.70 1.66 16.85
N LYS B 127 -1.79 2.44 16.89
CA LYS B 127 -3.11 1.87 16.68
C LYS B 127 -3.32 1.35 15.27
N SER B 128 -2.41 1.65 14.34
CA SER B 128 -2.50 1.17 12.97
C SER B 128 -1.53 0.05 12.68
N GLY B 129 -0.82 -0.45 13.69
CA GLY B 129 0.08 -1.57 13.52
C GLY B 129 1.46 -1.21 13.01
N THR B 130 1.77 0.06 12.86
CA THR B 130 3.07 0.51 12.34
C THR B 130 3.73 1.42 13.37
N ALA B 131 5.04 1.26 13.55
CA ALA B 131 5.84 2.07 14.46
C ALA B 131 6.96 2.74 13.68
N SER B 132 6.97 4.07 13.68
CA SER B 132 8.00 4.84 13.00
C SER B 132 8.78 5.64 14.02
N VAL B 133 10.10 5.43 14.05
CA VAL B 133 11.01 6.18 14.92
C VAL B 133 11.81 7.12 14.03
N VAL B 134 11.72 8.42 14.31
CA VAL B 134 12.32 9.45 13.47
C VAL B 134 13.52 10.05 14.21
N CYS B 135 14.66 10.10 13.52
CA CYS B 135 15.87 10.74 14.03
C CYS B 135 16.14 11.99 13.20
N LEU B 136 16.24 13.13 13.87
CA LEU B 136 16.30 14.42 13.22
C LEU B 136 17.71 15.01 13.36
N LEU B 137 18.33 15.33 12.24
CA LEU B 137 19.62 16.02 12.19
C LEU B 137 19.37 17.40 11.59
N ASN B 138 19.59 18.44 12.38
CA ASN B 138 19.16 19.79 12.02
C ASN B 138 20.35 20.70 11.82
N ASN B 139 20.31 21.47 10.73
CA ASN B 139 21.21 22.60 10.47
C ASN B 139 22.68 22.19 10.66
N PHE B 140 23.19 21.46 9.67
CA PHE B 140 24.58 21.05 9.67
C PHE B 140 25.20 21.30 8.30
N TYR B 141 26.51 21.54 8.31
CA TYR B 141 27.30 21.74 7.11
C TYR B 141 28.72 21.30 7.42
N PRO B 142 29.39 20.57 6.50
CA PRO B 142 28.92 20.12 5.18
C PRO B 142 27.88 19.00 5.26
N ARG B 143 27.43 18.49 4.10
CA ARG B 143 26.31 17.57 4.10
C ARG B 143 26.70 16.15 4.51
N GLU B 144 27.96 15.78 4.30
CA GLU B 144 28.38 14.40 4.54
C GLU B 144 28.20 14.03 6.01
N ALA B 145 27.38 13.00 6.25
CA ALA B 145 27.09 12.55 7.61
C ALA B 145 26.76 11.07 7.56
N LYS B 146 26.45 10.51 8.73
CA LYS B 146 26.12 9.10 8.86
C LYS B 146 25.13 8.93 10.00
N VAL B 147 24.13 8.07 9.78
CA VAL B 147 23.11 7.78 10.78
C VAL B 147 23.01 6.26 10.90
N GLN B 148 23.06 5.76 12.13
CA GLN B 148 22.90 4.34 12.42
C GLN B 148 21.77 4.12 13.42
N TRP B 149 20.97 3.10 13.17
CA TRP B 149 19.90 2.70 14.08
C TRP B 149 20.34 1.47 14.86
N LYS B 150 20.23 1.56 16.18
CA LYS B 150 20.61 0.46 17.06
C LYS B 150 19.49 0.22 18.06
N VAL B 151 18.78 -0.89 17.89
CA VAL B 151 17.70 -1.28 18.79
C VAL B 151 18.23 -2.39 19.70
N ASP B 152 18.07 -2.21 21.01
CA ASP B 152 18.63 -3.13 22.00
C ASP B 152 20.11 -3.41 21.74
N ASN B 153 20.86 -2.35 21.43
CA ASN B 153 22.29 -2.43 21.14
C ASN B 153 22.58 -3.34 19.95
N ALA B 154 21.70 -3.36 18.95
CA ALA B 154 21.88 -4.16 17.75
C ALA B 154 21.74 -3.27 16.53
N LEU B 155 22.76 -3.25 15.69
CA LEU B 155 22.78 -2.37 14.52
C LEU B 155 21.71 -2.79 13.53
N GLN B 156 20.95 -1.82 13.03
CA GLN B 156 19.89 -2.08 12.08
C GLN B 156 20.36 -1.85 10.65
N SER B 157 19.73 -2.55 9.71
CA SER B 157 20.08 -2.43 8.31
C SER B 157 18.87 -2.81 7.46
N GLY B 158 18.66 -2.06 6.38
CA GLY B 158 17.59 -2.34 5.45
C GLY B 158 16.21 -1.93 5.89
N ASN B 159 16.07 -1.29 7.05
CA ASN B 159 14.76 -0.92 7.58
C ASN B 159 14.66 0.57 7.90
N SER B 160 15.53 1.39 7.33
CA SER B 160 15.50 2.83 7.54
C SER B 160 15.55 3.56 6.20
N GLN B 161 14.82 4.67 6.11
CA GLN B 161 14.81 5.52 4.94
C GLN B 161 15.23 6.93 5.32
N GLU B 162 16.20 7.48 4.59
CA GLU B 162 16.74 8.80 4.89
C GLU B 162 16.21 9.84 3.91
N SER B 163 16.09 11.08 4.41
CA SER B 163 15.65 12.20 3.60
C SER B 163 16.48 13.42 3.98
N VAL B 164 16.95 14.16 2.98
CA VAL B 164 17.75 15.35 3.20
C VAL B 164 17.11 16.52 2.47
N THR B 165 17.16 17.70 3.08
CA THR B 165 16.66 18.90 2.45
C THR B 165 17.73 19.49 1.52
N GLU B 166 17.31 20.42 0.68
CA GLU B 166 18.26 21.17 -0.13
C GLU B 166 19.00 22.16 0.76
N GLN B 167 20.12 22.67 0.24
CA GLN B 167 20.89 23.66 0.97
C GLN B 167 20.03 24.89 1.24
N ASP B 168 19.93 25.27 2.51
CA ASP B 168 18.99 26.31 2.91
C ASP B 168 19.35 27.64 2.25
N SER B 169 18.31 28.44 2.00
CA SER B 169 18.48 29.70 1.29
C SER B 169 19.07 30.80 2.16
N LYS B 170 18.92 30.71 3.49
CA LYS B 170 19.41 31.75 4.39
C LYS B 170 20.78 31.43 4.97
N ASP B 171 20.89 30.32 5.70
CA ASP B 171 22.12 29.97 6.39
C ASP B 171 22.95 28.90 5.68
N SER B 172 22.48 28.42 4.52
CA SER B 172 23.24 27.49 3.68
C SER B 172 23.59 26.20 4.43
N THR B 173 22.64 25.69 5.21
CA THR B 173 22.83 24.46 5.95
C THR B 173 21.94 23.36 5.40
N TYR B 174 22.14 22.15 5.91
CA TYR B 174 21.35 20.99 5.55
C TYR B 174 20.62 20.45 6.77
N SER B 175 19.53 19.75 6.51
CA SER B 175 18.79 19.03 7.54
C SER B 175 18.46 17.63 7.02
N LEU B 176 18.59 16.65 7.90
CA LEU B 176 18.41 15.25 7.52
C LEU B 176 17.46 14.56 8.51
N SER B 177 16.65 13.66 7.97
CA SER B 177 15.76 12.83 8.78
C SER B 177 15.95 11.38 8.40
N SER B 178 16.01 10.51 9.40
CA SER B 178 16.12 9.07 9.21
C SER B 178 14.96 8.41 9.93
N THR B 179 14.13 7.68 9.18
CA THR B 179 12.93 7.04 9.71
C THR B 179 13.13 5.53 9.73
N LEU B 180 13.00 4.94 10.93
CA LEU B 180 13.07 3.50 11.11
C LEU B 180 11.64 2.96 11.18
N THR B 181 11.30 2.04 10.29
CA THR B 181 9.93 1.54 10.15
C THR B 181 9.86 0.09 10.61
N LEU B 182 8.96 -0.18 11.56
CA LEU B 182 8.73 -1.52 12.07
C LEU B 182 7.23 -1.74 12.23
N SER B 183 6.86 -2.99 12.46
CA SER B 183 5.51 -3.33 12.88
C SER B 183 5.44 -3.22 14.41
N LYS B 184 4.21 -3.01 14.92
CA LYS B 184 4.06 -2.87 16.36
C LYS B 184 4.47 -4.14 17.10
N ALA B 185 4.31 -5.31 16.46
CA ALA B 185 4.77 -6.55 17.07
C ALA B 185 6.28 -6.54 17.25
N ASP B 186 7.02 -6.22 16.19
CA ASP B 186 8.48 -6.14 16.30
C ASP B 186 8.91 -5.00 17.21
N TYR B 187 8.18 -3.89 17.18
CA TYR B 187 8.57 -2.74 17.99
C TYR B 187 8.41 -3.02 19.48
N GLU B 188 7.35 -3.74 19.86
CA GLU B 188 7.10 -4.03 21.27
C GLU B 188 7.99 -5.15 21.82
N LYS B 189 8.78 -5.81 20.98
CA LYS B 189 9.67 -6.87 21.43
C LYS B 189 11.02 -6.35 21.89
N HIS B 190 11.26 -5.04 21.83
CA HIS B 190 12.53 -4.45 22.24
C HIS B 190 12.26 -3.24 23.11
N LYS B 191 13.33 -2.69 23.69
CA LYS B 191 13.19 -1.62 24.67
C LYS B 191 14.06 -0.41 24.32
N VAL B 192 15.34 -0.63 24.08
CA VAL B 192 16.29 0.47 23.86
C VAL B 192 16.34 0.80 22.37
N TYR B 193 15.89 2.01 22.02
CA TYR B 193 15.96 2.51 20.65
C TYR B 193 16.87 3.73 20.62
N ALA B 194 17.93 3.66 19.84
CA ALA B 194 18.95 4.69 19.83
C ALA B 194 19.31 5.08 18.40
N CYS B 195 19.67 6.35 18.23
CA CYS B 195 20.16 6.88 16.96
C CYS B 195 21.55 7.45 17.17
N GLU B 196 22.52 6.97 16.40
CA GLU B 196 23.91 7.37 16.55
C GLU B 196 24.35 8.16 15.32
N VAL B 197 24.76 9.41 15.54
CA VAL B 197 25.02 10.37 14.47
C VAL B 197 26.51 10.62 14.36
N THR B 198 27.01 10.72 13.14
CA THR B 198 28.42 10.98 12.87
C THR B 198 28.52 12.15 11.90
N HIS B 199 29.31 13.16 12.26
CA HIS B 199 29.51 14.34 11.43
C HIS B 199 30.88 14.93 11.72
N GLN B 200 31.45 15.62 10.72
CA GLN B 200 32.81 16.14 10.84
C GLN B 200 32.95 17.25 11.87
N GLY B 201 31.85 17.82 12.34
CA GLY B 201 31.88 18.78 13.43
C GLY B 201 31.76 18.19 14.81
N LEU B 202 31.70 16.86 14.92
CA LEU B 202 31.53 16.16 16.18
C LEU B 202 32.80 15.39 16.50
N SER B 203 33.37 15.64 17.68
CA SER B 203 34.57 14.91 18.09
C SER B 203 34.27 13.43 18.31
N SER B 204 33.08 13.12 18.80
CA SER B 204 32.63 11.76 19.02
C SER B 204 31.19 11.65 18.54
N PRO B 205 30.73 10.45 18.19
CA PRO B 205 29.34 10.29 17.75
C PRO B 205 28.36 10.71 18.83
N VAL B 206 27.24 11.27 18.39
CA VAL B 206 26.18 11.73 19.29
C VAL B 206 25.04 10.73 19.21
N THR B 207 24.64 10.19 20.36
CA THR B 207 23.59 9.18 20.45
C THR B 207 22.39 9.74 21.19
N LYS B 208 21.21 9.58 20.60
CA LYS B 208 19.94 9.89 21.26
C LYS B 208 19.17 8.59 21.42
N SER B 209 18.89 8.23 22.68
CA SER B 209 18.22 6.98 22.99
C SER B 209 16.93 7.24 23.77
N PHE B 210 16.08 6.21 23.82
CA PHE B 210 14.89 6.24 24.64
C PHE B 210 14.44 4.81 24.86
N ASN B 211 13.84 4.57 26.03
CA ASN B 211 13.18 3.30 26.30
C ASN B 211 11.71 3.40 25.93
N ARG B 212 11.13 2.26 25.55
CA ARG B 212 9.84 2.27 24.88
C ARG B 212 8.76 2.91 25.74
N GLY B 213 8.63 2.47 26.99
CA GLY B 213 7.52 2.88 27.82
C GLY B 213 7.72 4.16 28.61
N GLU B 214 8.70 4.98 28.20
CA GLU B 214 8.97 6.22 28.92
C GLU B 214 8.53 7.43 28.12
N VAL C 2 9.96 22.30 -4.23
CA VAL C 2 9.20 23.56 -4.22
C VAL C 2 9.34 24.27 -2.88
N GLN C 3 9.98 25.43 -2.91
CA GLN C 3 10.10 26.27 -1.72
C GLN C 3 10.30 27.72 -2.15
N LEU C 4 9.81 28.62 -1.31
CA LEU C 4 9.87 30.05 -1.57
C LEU C 4 10.68 30.79 -0.50
N UNK C 5 11.36 31.85 -0.91
CA UNK C 5 12.14 32.67 0.01
C UNK C 5 12.09 34.14 -0.41
N UNK C 6 11.48 34.96 0.44
CA UNK C 6 11.32 36.38 0.14
C UNK C 6 12.49 37.19 0.67
N SER C 7 12.76 38.32 0.02
CA SER C 7 13.88 39.18 0.40
C SER C 7 13.56 40.64 0.09
N GLY C 8 14.40 41.55 0.59
CA GLY C 8 14.35 42.93 0.20
C GLY C 8 13.71 43.89 1.17
N GLY C 9 13.16 43.39 2.28
CA GLY C 9 12.52 44.26 3.25
C GLY C 9 13.51 44.93 4.18
N GLY C 10 12.95 45.75 5.07
CA GLY C 10 13.75 46.48 6.03
C GLY C 10 12.96 47.58 6.73
N UNK C 11 13.67 48.62 7.18
CA UNK C 11 13.06 49.78 7.80
C UNK C 11 13.28 50.99 6.92
N VAL C 12 12.27 51.86 6.84
CA VAL C 12 12.31 52.98 5.90
C VAL C 12 11.30 54.04 6.32
N GLN C 13 11.60 55.31 6.04
CA GLN C 13 10.72 56.40 6.42
C GLN C 13 9.60 56.61 5.40
N UNK C 14 8.60 57.38 5.80
CA UNK C 14 7.43 57.63 4.95
C UNK C 14 7.81 58.37 3.67
N GLY C 15 7.42 57.80 2.53
CA GLY C 15 7.68 58.43 1.24
C GLY C 15 8.74 57.75 0.40
N UNK C 16 9.52 56.85 1.01
CA UNK C 16 10.61 56.21 0.28
C UNK C 16 10.19 54.85 -0.26
N SER C 17 11.17 54.06 -0.71
CA SER C 17 10.87 52.87 -1.48
C SER C 17 11.43 51.56 -0.92
N LEU C 18 11.05 50.46 -1.56
CA LEU C 18 11.49 49.13 -1.15
C LEU C 18 11.17 48.11 -2.25
N UNK C 19 12.19 47.36 -2.68
CA UNK C 19 11.99 46.35 -3.72
C UNK C 19 12.08 44.95 -3.13
N LEU C 20 10.94 44.25 -3.13
CA LEU C 20 10.89 42.89 -2.61
C LEU C 20 11.08 41.87 -3.73
N SER C 21 11.62 40.72 -3.38
CA SER C 21 11.84 39.64 -4.33
C SER C 21 11.57 38.31 -3.65
N CYS C 22 11.22 37.31 -4.45
CA CYS C 22 10.99 35.96 -3.95
C CYS C 22 11.39 34.93 -5.00
N UNK C 23 12.33 34.07 -4.64
CA UNK C 23 12.80 33.01 -5.53
C UNK C 23 12.11 31.70 -5.20
N ALA C 24 11.91 30.87 -6.22
CA ALA C 24 11.26 29.58 -6.05
C ALA C 24 12.24 28.43 -6.28
N UNK C 25 12.12 27.38 -5.47
CA UNK C 25 12.96 26.20 -5.62
C UNK C 25 12.19 25.08 -6.32
N UNK C 27 10.22 25.57 -11.05
CA UNK C 27 9.67 26.27 -12.21
C UNK C 27 8.32 26.90 -11.85
N UNK C 28 8.19 28.19 -12.12
CA UNK C 28 6.97 28.93 -11.79
C UNK C 28 6.46 29.75 -12.97
N UNK C 29 7.01 29.49 -14.16
CA UNK C 29 6.65 30.27 -15.35
C UNK C 29 5.18 30.12 -15.73
N UNK C 30 4.55 29.02 -15.32
CA UNK C 30 3.16 28.74 -15.69
C UNK C 30 2.18 29.05 -14.55
N UNK C 31 2.71 29.42 -13.40
CA UNK C 31 1.87 29.70 -12.24
C UNK C 31 2.00 31.17 -11.83
N UNK C 32 0.90 31.70 -11.28
CA UNK C 32 0.87 33.08 -10.81
C UNK C 32 1.47 33.19 -9.41
N UNK C 33 2.17 34.28 -9.17
CA UNK C 33 2.77 34.55 -7.86
C UNK C 33 2.15 35.80 -7.26
N UNK C 34 1.49 35.63 -6.12
CA UNK C 34 0.82 36.73 -5.45
C UNK C 34 1.59 37.21 -4.22
N TRP C 35 1.40 38.48 -3.87
CA TRP C 35 1.98 39.06 -2.67
C TRP C 35 0.90 39.35 -1.63
N UNK C 36 1.17 38.97 -0.40
CA UNK C 36 0.25 39.21 0.71
C UNK C 36 1.01 39.83 1.88
N ARG C 37 0.30 40.62 2.69
CA ARG C 37 0.90 41.25 3.85
C ARG C 37 0.00 41.08 5.07
N GLN C 38 0.61 41.15 6.25
CA GLN C 38 -0.11 40.89 7.49
C GLN C 38 0.46 41.71 8.64
N UNK C 39 -0.38 42.56 9.23
CA UNK C 39 -0.02 43.30 10.43
C UNK C 39 -0.01 42.34 11.61
N PRO C 40 0.79 42.65 12.65
CA PRO C 40 0.89 41.76 13.82
C PRO C 40 -0.46 41.41 14.45
N GLY C 41 -1.40 42.35 14.44
CA GLY C 41 -2.71 42.12 15.03
C GLY C 41 -3.84 42.06 14.02
N UNK C 42 -3.49 41.69 12.79
CA UNK C 42 -4.47 41.61 11.71
C UNK C 42 -4.33 40.31 10.93
N UNK C 43 -5.16 40.17 9.90
CA UNK C 43 -5.13 39.00 9.03
C UNK C 43 -4.37 39.31 7.74
N ARG C 44 -4.00 38.26 7.01
CA ARG C 44 -3.28 38.42 5.75
C ARG C 44 -4.19 39.00 4.67
N GLU C 45 -3.82 40.17 4.16
CA GLU C 45 -4.58 40.82 3.09
C GLU C 45 -3.82 40.77 1.78
N UNK C 46 -4.56 40.68 0.68
CA UNK C 46 -3.96 40.60 -0.65
C UNK C 46 -3.34 41.94 -1.04
N VAL C 47 -2.16 41.89 -1.63
CA VAL C 47 -1.45 43.08 -2.04
C VAL C 47 -1.38 43.17 -3.57
N UNK C 48 -0.78 42.15 -4.18
CA UNK C 48 -0.62 42.13 -5.63
C UNK C 48 -0.50 40.71 -6.13
N UNK C 49 -0.61 40.55 -7.45
CA UNK C 49 -0.48 39.24 -8.08
C UNK C 49 0.05 39.40 -9.49
N UNK C 50 1.15 38.72 -9.77
CA UNK C 50 1.72 38.67 -11.10
C UNK C 50 1.40 37.32 -11.75
N UNK C 51 0.54 37.34 -12.75
CA UNK C 51 0.17 36.12 -13.46
C UNK C 51 1.27 35.75 -14.44
N UNK C 52 0.99 34.80 -15.33
CA UNK C 52 1.96 34.39 -16.34
C UNK C 52 2.27 35.55 -17.28
N UNK C 53 3.44 35.51 -17.89
CA UNK C 53 3.87 36.55 -18.81
C UNK C 53 2.91 36.67 -19.99
N UNK C 54 2.19 37.79 -20.01
CA UNK C 54 1.20 38.24 -21.04
C UNK C 54 -0.17 38.37 -20.38
N UNK C 55 -0.34 37.79 -19.20
CA UNK C 55 -1.62 37.84 -18.50
C UNK C 55 -1.69 39.05 -17.55
N UNK C 56 -0.72 39.95 -17.66
CA UNK C 56 -0.70 41.21 -16.92
C UNK C 56 -0.70 41.02 -15.40
N UNK C 57 -0.92 42.12 -14.68
CA UNK C 57 -0.85 42.12 -13.23
C UNK C 57 -2.11 42.73 -12.61
N UNK C 58 -2.31 42.46 -11.32
CA UNK C 58 -3.46 42.97 -10.60
C UNK C 58 -3.06 43.46 -9.21
N UNK C 59 -3.69 44.55 -8.75
CA UNK C 59 -3.32 45.15 -7.47
C UNK C 59 -4.55 45.47 -6.61
N UNK C 60 -4.34 45.47 -5.30
CA UNK C 60 -5.38 45.82 -4.34
C UNK C 60 -5.63 47.32 -4.37
N ASP C 61 -6.69 47.74 -3.69
CA ASP C 61 -7.08 49.15 -3.69
C ASP C 61 -6.12 49.99 -2.86
N SER C 62 -5.49 49.37 -1.87
CA SER C 62 -4.58 50.09 -0.98
C SER C 62 -3.27 50.47 -1.67
N UNK C 63 -2.86 49.68 -2.65
CA UNK C 63 -1.54 49.83 -3.25
C UNK C 63 -1.56 50.21 -4.72
N UNK C 64 -2.71 50.64 -5.23
CA UNK C 64 -2.82 51.04 -6.63
C UNK C 64 -2.02 52.31 -6.89
N GLY C 65 -1.21 52.29 -7.94
CA GLY C 65 -0.42 53.43 -8.33
C GLY C 65 0.91 53.57 -7.61
N ARG C 66 1.04 52.94 -6.44
CA ARG C 66 2.26 53.04 -5.65
C ARG C 66 3.17 51.84 -5.80
N PHE C 67 2.61 50.64 -6.00
CA PHE C 67 3.40 49.42 -6.09
C PHE C 67 3.41 48.90 -7.53
N THR C 68 4.43 48.13 -7.84
CA THR C 68 4.55 47.49 -9.15
C THR C 68 5.09 46.06 -9.02
N UNK C 69 4.32 45.10 -9.51
CA UNK C 69 4.72 43.69 -9.45
C UNK C 69 5.38 43.27 -10.74
N SER C 70 6.38 42.40 -10.62
CA SER C 70 7.12 41.90 -11.77
C SER C 70 7.54 40.45 -11.57
N UNK C 71 8.07 39.84 -12.62
CA UNK C 71 8.49 38.43 -12.56
C UNK C 71 9.56 38.14 -13.60
N ASP C 72 10.56 37.35 -13.19
CA ASP C 72 11.61 36.90 -14.09
C ASP C 72 11.55 35.38 -14.22
N UNK C 73 11.02 34.91 -15.34
CA UNK C 73 10.87 33.48 -15.59
C UNK C 73 12.21 32.75 -15.63
N UNK C 74 13.23 33.43 -16.14
CA UNK C 74 14.56 32.84 -16.26
C UNK C 74 15.20 32.65 -14.88
N UNK C 75 14.85 33.52 -13.94
CA UNK C 75 15.40 33.44 -12.58
C UNK C 75 14.38 32.83 -11.63
N UNK C 76 13.23 32.43 -12.17
CA UNK C 76 12.16 31.80 -11.38
C UNK C 76 11.78 32.68 -10.18
N UNK C 77 11.89 33.99 -10.34
CA UNK C 77 11.66 34.91 -9.24
C UNK C 77 10.57 35.93 -9.56
N UNK C 78 9.88 36.37 -8.52
CA UNK C 78 8.90 37.45 -8.62
C UNK C 78 9.43 38.67 -7.90
N UNK C 79 8.91 39.84 -8.27
CA UNK C 79 9.36 41.10 -7.70
C UNK C 79 8.19 41.99 -7.32
N LEU C 80 8.43 42.88 -6.36
CA LEU C 80 7.43 43.82 -5.90
C LEU C 80 8.07 45.15 -5.52
N GLN C 81 8.11 46.07 -6.46
CA GLN C 81 8.64 47.41 -6.21
C GLN C 81 7.59 48.25 -5.50
N UNK C 82 8.01 48.90 -4.42
CA UNK C 82 7.12 49.66 -3.54
C UNK C 82 7.56 51.12 -3.45
N UNK C 83 6.68 52.03 -3.86
CA UNK C 83 6.99 53.46 -3.81
C UNK C 83 5.99 54.22 -2.95
N UNK C 84 6.42 55.38 -2.45
CA UNK C 84 5.58 56.26 -1.62
C UNK C 84 5.00 55.49 -0.44
N LEU C 85 5.88 54.85 0.33
CA LEU C 85 5.47 54.00 1.43
C LEU C 85 4.87 54.79 2.59
N UNK C 86 3.73 54.32 3.08
CA UNK C 86 3.07 54.94 4.24
C UNK C 86 3.28 54.07 5.47
N UNK C 87 2.93 54.62 6.63
CA UNK C 87 3.04 53.88 7.89
C UNK C 87 2.04 52.72 7.93
N UNK C 88 1.00 52.80 7.10
CA UNK C 88 -0.02 51.77 7.04
C UNK C 88 0.48 50.51 6.32
N ASP C 89 1.50 50.67 5.49
CA ASP C 89 2.04 49.54 4.73
C ASP C 89 2.99 48.69 5.56
N UNK C 90 3.23 49.09 6.81
CA UNK C 90 4.09 48.35 7.71
C UNK C 90 3.46 47.02 8.10
N ALA C 91 4.09 45.93 7.64
CA ALA C 91 3.63 44.58 7.94
C ALA C 91 4.67 43.57 7.50
N UNK C 92 4.37 42.29 7.72
CA UNK C 92 5.20 41.21 7.18
C UNK C 92 4.62 40.80 5.83
N TYR C 93 5.47 40.76 4.82
CA TYR C 93 5.03 40.45 3.46
C TYR C 93 5.39 39.03 3.05
N TYR C 94 4.40 38.31 2.51
CA TYR C 94 4.54 36.93 2.13
C TYR C 94 4.31 36.78 0.63
N CYS C 95 4.85 35.69 0.08
CA CYS C 95 4.64 35.37 -1.32
C CYS C 95 4.10 33.95 -1.46
N UNK C 96 3.12 33.79 -2.34
CA UNK C 96 2.48 32.50 -2.55
C UNK C 96 2.31 32.20 -4.03
N UNK C 97 2.21 30.91 -4.35
CA UNK C 97 1.97 30.47 -5.70
C UNK C 97 0.54 29.98 -5.85
N UNK C 98 -0.12 30.42 -6.92
CA UNK C 98 -1.46 29.95 -7.25
C UNK C 98 -1.32 28.63 -8.00
N UNK C 99 -1.60 27.52 -7.31
CA UNK C 99 -1.39 26.19 -7.87
C UNK C 99 -2.31 25.91 -9.06
N UNK C 100 -3.38 26.68 -9.18
CA UNK C 100 -4.31 26.50 -10.30
C UNK C 100 -3.87 27.38 -11.46
N UNK C 101 -3.61 26.76 -12.61
CA UNK C 101 -3.22 27.50 -13.81
C UNK C 101 -4.38 28.35 -14.35
N UNK C 102 -5.58 28.11 -13.84
CA UNK C 102 -6.76 28.87 -14.25
C UNK C 102 -7.01 30.05 -13.31
N UNK C 103 -6.01 30.37 -12.49
CA UNK C 103 -6.03 31.55 -11.62
C UNK C 103 -7.18 31.56 -10.63
N UNK C 104 -7.57 30.39 -10.13
CA UNK C 104 -8.63 30.32 -9.13
C UNK C 104 -8.09 30.65 -7.74
N UNK C 105 -6.77 30.56 -7.59
CA UNK C 105 -6.01 30.89 -6.37
C UNK C 105 -5.95 29.76 -5.34
N UNK C 106 -5.54 28.57 -5.77
CA UNK C 106 -5.19 27.52 -4.83
C UNK C 106 -3.80 27.85 -4.29
N UNK C 107 -3.75 28.76 -3.33
CA UNK C 107 -2.49 29.16 -2.72
C UNK C 107 -2.00 28.07 -1.77
N UNK C 108 -1.27 27.10 -2.32
CA UNK C 108 -0.77 25.97 -1.55
C UNK C 108 0.61 26.25 -0.95
N UNK C 109 1.52 26.75 -1.78
CA UNK C 109 2.88 27.05 -1.32
C UNK C 109 2.99 28.50 -0.85
N TRP C 110 3.61 28.68 0.31
CA TRP C 110 3.82 30.01 0.89
C TRP C 110 5.29 30.23 1.23
N GLY C 111 5.65 31.47 1.50
CA GLY C 111 7.01 31.82 1.83
C GLY C 111 7.25 32.02 3.32
N UNK C 112 8.51 32.28 3.67
CA UNK C 112 8.88 32.50 5.07
C UNK C 112 8.42 33.88 5.53
N GLY C 113 8.50 34.85 4.64
CA GLY C 113 8.07 36.20 4.95
C GLY C 113 9.19 37.20 5.12
N THR C 114 8.85 38.48 5.06
CA THR C 114 9.84 39.54 5.18
C THR C 114 9.24 40.74 5.92
N UNK C 115 10.00 41.29 6.86
CA UNK C 115 9.54 42.41 7.66
C UNK C 115 9.65 43.73 6.90
N VAL C 116 8.56 44.50 6.92
CA VAL C 116 8.55 45.85 6.37
C VAL C 116 7.99 46.80 7.41
N THR C 117 8.70 47.89 7.68
CA THR C 117 8.31 48.84 8.71
C THR C 117 8.54 50.26 8.22
N VAL C 118 7.51 51.08 8.33
CA VAL C 118 7.61 52.48 7.92
C VAL C 118 7.31 53.40 9.11
N GLU D 1 -34.77 -22.37 19.96
CA GLU D 1 -35.11 -21.92 18.61
C GLU D 1 -34.66 -20.48 18.41
N VAL D 2 -33.80 -20.00 19.31
CA VAL D 2 -33.35 -18.62 19.27
C VAL D 2 -32.44 -18.41 18.06
N GLN D 3 -32.65 -17.31 17.36
CA GLN D 3 -31.84 -16.93 16.21
C GLN D 3 -31.30 -15.52 16.42
N LEU D 4 -30.05 -15.32 16.02
CA LEU D 4 -29.36 -14.05 16.20
C LEU D 4 -28.74 -13.62 14.88
N GLN D 5 -28.64 -12.31 14.69
CA GLN D 5 -28.05 -11.76 13.47
C GLN D 5 -27.36 -10.45 13.81
N GLU D 6 -26.07 -10.36 13.47
CA GLU D 6 -25.30 -9.15 13.69
C GLU D 6 -25.40 -8.24 12.47
N SER D 7 -25.12 -6.96 12.70
CA SER D 7 -25.11 -5.98 11.62
C SER D 7 -24.32 -4.76 12.08
N GLY D 8 -23.84 -4.01 11.09
CA GLY D 8 -23.02 -2.84 11.35
C GLY D 8 -21.88 -2.74 10.37
N PRO D 9 -21.23 -1.57 10.32
CA PRO D 9 -20.14 -1.36 9.35
C PRO D 9 -18.96 -2.28 9.64
N GLY D 10 -18.59 -3.06 8.64
CA GLY D 10 -17.45 -3.95 8.74
C GLY D 10 -16.11 -3.31 8.52
N LEU D 11 -16.07 -1.99 8.34
CA LEU D 11 -14.84 -1.25 8.14
C LEU D 11 -14.83 -0.07 9.09
N VAL D 12 -13.79 0.01 9.93
CA VAL D 12 -13.64 1.10 10.89
C VAL D 12 -12.18 1.56 10.87
N LYS D 13 -11.98 2.86 10.79
CA LYS D 13 -10.63 3.40 10.86
C LYS D 13 -10.10 3.31 12.28
N PRO D 14 -8.78 3.36 12.48
CA PRO D 14 -8.25 3.35 13.83
C PRO D 14 -8.67 4.59 14.61
N SER D 15 -8.71 4.43 15.94
CA SER D 15 -8.97 5.50 16.91
C SER D 15 -10.43 5.91 17.03
N GLN D 16 -11.28 5.54 16.07
CA GLN D 16 -12.69 5.86 16.17
C GLN D 16 -13.46 4.66 16.73
N SER D 17 -14.79 4.75 16.75
CA SER D 17 -15.63 3.80 17.47
C SER D 17 -16.23 2.78 16.52
N LEU D 18 -16.31 1.53 17.01
CA LEU D 18 -16.97 0.44 16.30
C LEU D 18 -18.28 0.12 17.01
N SER D 19 -19.36 0.06 16.24
CA SER D 19 -20.69 -0.22 16.77
C SER D 19 -21.32 -1.37 16.01
N LEU D 20 -21.96 -2.28 16.75
CA LEU D 20 -22.63 -3.43 16.16
C LEU D 20 -24.00 -3.61 16.82
N THR D 21 -24.93 -4.19 16.06
CA THR D 21 -26.28 -4.44 16.52
C THR D 21 -26.63 -5.91 16.32
N CYS D 22 -27.22 -6.52 17.34
CA CYS D 22 -27.65 -7.91 17.29
C CYS D 22 -29.16 -7.95 17.51
N SER D 23 -29.89 -8.38 16.48
CA SER D 23 -31.34 -8.50 16.56
C SER D 23 -31.73 -9.94 16.79
N VAL D 24 -32.50 -10.20 17.86
CA VAL D 24 -32.86 -11.53 18.30
C VAL D 24 -34.32 -11.80 17.95
N ILE D 25 -34.60 -13.00 17.45
CA ILE D 25 -35.94 -13.43 17.11
C ILE D 25 -36.19 -14.80 17.72
N GLY D 26 -37.45 -15.03 18.10
CA GLY D 26 -37.85 -16.29 18.71
C GLY D 26 -37.75 -16.33 20.22
N TYR D 27 -37.22 -15.29 20.85
CA TYR D 27 -37.05 -15.26 22.29
C TYR D 27 -36.81 -13.82 22.72
N SER D 28 -37.42 -13.43 23.83
CA SER D 28 -37.28 -12.07 24.35
C SER D 28 -36.00 -11.94 25.16
N ILE D 29 -35.21 -10.90 24.89
CA ILE D 29 -33.99 -10.67 25.65
C ILE D 29 -34.27 -10.30 27.10
N THR D 30 -35.53 -10.01 27.44
CA THR D 30 -35.93 -9.72 28.81
C THR D 30 -36.38 -10.96 29.57
N SER D 31 -36.45 -12.12 28.91
CA SER D 31 -36.97 -13.31 29.56
C SER D 31 -35.90 -13.98 30.43
N GLY D 32 -34.66 -14.03 29.97
CA GLY D 32 -33.62 -14.68 30.73
C GLY D 32 -32.29 -14.64 30.00
N TYR D 33 -31.31 -15.31 30.60
CA TYR D 33 -29.97 -15.50 30.05
C TYR D 33 -29.16 -14.20 29.98
N TYR D 34 -27.84 -14.32 30.04
CA TYR D 34 -26.97 -13.23 29.63
C TYR D 34 -26.91 -13.18 28.11
N TRP D 35 -26.68 -11.98 27.59
CA TRP D 35 -26.54 -11.76 26.16
C TRP D 35 -25.18 -11.13 25.91
N ASN D 36 -24.26 -11.92 25.36
CA ASN D 36 -22.85 -11.57 25.31
C ASN D 36 -22.41 -11.19 23.89
N TRP D 37 -21.28 -10.49 23.83
CA TRP D 37 -20.57 -10.24 22.59
C TRP D 37 -19.21 -10.92 22.68
N ILE D 38 -18.90 -11.75 21.68
CA ILE D 38 -17.68 -12.53 21.65
C ILE D 38 -17.06 -12.39 20.27
N ARG D 39 -15.76 -12.08 20.23
CA ARG D 39 -15.03 -11.92 18.98
C ARG D 39 -13.98 -13.01 18.84
N GLN D 40 -13.46 -13.16 17.62
CA GLN D 40 -12.46 -14.18 17.32
C GLN D 40 -11.41 -13.59 16.41
N PHE D 41 -10.16 -13.60 16.86
CA PHE D 41 -9.05 -13.00 16.14
C PHE D 41 -8.61 -13.91 14.99
N PRO D 42 -7.86 -13.35 14.01
CA PRO D 42 -7.43 -14.18 12.86
C PRO D 42 -6.76 -15.49 13.23
N GLY D 43 -6.09 -15.57 14.39
CA GLY D 43 -5.54 -16.82 14.86
C GLY D 43 -6.56 -17.81 15.39
N ASN D 44 -7.85 -17.51 15.20
CA ASN D 44 -8.99 -18.30 15.64
C ASN D 44 -9.14 -18.36 17.15
N LYS D 45 -8.66 -17.35 17.88
CA LYS D 45 -8.80 -17.34 19.33
C LYS D 45 -10.06 -16.57 19.72
N LEU D 46 -10.95 -17.22 20.46
CA LEU D 46 -12.17 -16.59 20.92
C LEU D 46 -11.92 -15.80 22.20
N GLU D 47 -12.62 -14.67 22.35
CA GLU D 47 -12.48 -13.85 23.54
C GLU D 47 -13.83 -13.22 23.85
N TRP D 48 -14.36 -13.52 25.04
CA TRP D 48 -15.62 -12.92 25.46
C TRP D 48 -15.39 -11.47 25.87
N MET D 49 -16.20 -10.56 25.32
CA MET D 49 -16.00 -9.13 25.52
C MET D 49 -16.84 -8.57 26.66
N GLY D 50 -18.14 -8.86 26.66
CA GLY D 50 -19.01 -8.34 27.69
C GLY D 50 -20.38 -8.99 27.60
N SER D 51 -21.29 -8.51 28.44
CA SER D 51 -22.61 -9.12 28.53
C SER D 51 -23.61 -8.12 29.10
N ILE D 52 -24.84 -8.24 28.63
CA ILE D 52 -25.99 -7.58 29.26
C ILE D 52 -26.98 -8.67 29.64
N ASN D 53 -27.59 -8.51 30.81
CA ASN D 53 -28.47 -9.54 31.34
C ASN D 53 -29.93 -9.23 30.97
N TYR D 54 -30.83 -10.14 31.37
CA TYR D 54 -32.24 -9.92 31.09
C TYR D 54 -32.80 -8.73 31.85
N ASP D 55 -32.21 -8.41 33.01
CA ASP D 55 -32.60 -7.23 33.77
C ASP D 55 -31.78 -6.01 33.42
N GLY D 56 -30.87 -6.12 32.45
CA GLY D 56 -30.09 -4.98 31.99
C GLY D 56 -28.74 -4.81 32.65
N SER D 57 -28.35 -5.70 33.56
CA SER D 57 -27.07 -5.56 34.24
C SER D 57 -25.92 -5.89 33.29
N ASN D 58 -24.79 -5.21 33.51
CA ASN D 58 -23.63 -5.30 32.64
C ASN D 58 -22.49 -6.03 33.33
N ILE D 59 -21.84 -6.93 32.60
CA ILE D 59 -20.58 -7.56 33.00
C ILE D 59 -19.63 -7.44 31.83
N TYR D 60 -18.49 -6.80 32.05
CA TYR D 60 -17.53 -6.52 30.99
C TYR D 60 -16.19 -7.17 31.30
N ASN D 61 -15.53 -7.66 30.26
CA ASN D 61 -14.17 -8.17 30.42
C ASN D 61 -13.26 -7.03 30.89
N PRO D 62 -12.50 -7.22 31.97
CA PRO D 62 -11.64 -6.13 32.46
C PRO D 62 -10.63 -5.64 31.44
N SER D 63 -10.30 -6.45 30.42
CA SER D 63 -9.38 -6.00 29.38
C SER D 63 -10.00 -4.95 28.46
N LEU D 64 -11.32 -4.79 28.49
CA LEU D 64 -12.02 -3.84 27.64
C LEU D 64 -12.91 -2.88 28.43
N LYS D 65 -12.82 -2.90 29.77
CA LYS D 65 -13.77 -2.16 30.59
C LYS D 65 -13.76 -0.66 30.30
N ASP D 66 -12.57 -0.08 30.09
CA ASP D 66 -12.45 1.36 29.92
C ASP D 66 -12.87 1.85 28.54
N ARG D 67 -13.38 0.97 27.67
CA ARG D 67 -13.75 1.43 26.33
C ARG D 67 -14.86 0.60 25.68
N ILE D 68 -15.61 -0.18 26.45
CA ILE D 68 -16.68 -1.00 25.91
C ILE D 68 -18.00 -0.57 26.54
N SER D 69 -19.08 -0.72 25.79
CA SER D 69 -20.42 -0.39 26.26
C SER D 69 -21.42 -1.25 25.52
N ILE D 70 -22.27 -1.94 26.27
CA ILE D 70 -23.26 -2.85 25.71
C ILE D 70 -24.63 -2.42 26.23
N THR D 71 -25.47 -1.96 25.32
CA THR D 71 -26.83 -1.50 25.63
C THR D 71 -27.83 -2.43 24.97
N ARG D 72 -29.12 -2.09 25.11
CA ARG D 72 -30.17 -2.89 24.52
C ARG D 72 -31.37 -2.01 24.21
N ASP D 73 -32.26 -2.54 23.37
CA ASP D 73 -33.52 -1.90 23.00
C ASP D 73 -34.59 -2.98 23.01
N THR D 74 -35.36 -3.05 24.09
CA THR D 74 -36.34 -4.12 24.25
C THR D 74 -37.53 -3.96 23.31
N SER D 75 -37.67 -2.83 22.61
CA SER D 75 -38.82 -2.65 21.73
C SER D 75 -38.68 -3.48 20.47
N LYS D 76 -37.47 -3.65 19.97
CA LYS D 76 -37.19 -4.55 18.87
C LYS D 76 -36.62 -5.89 19.31
N ASN D 77 -36.12 -5.96 20.56
CA ASN D 77 -35.38 -7.11 21.10
C ASN D 77 -33.98 -7.12 20.50
N GLN D 78 -33.29 -5.98 20.56
CA GLN D 78 -31.94 -5.84 20.05
C GLN D 78 -31.02 -5.44 21.19
N PHE D 79 -29.80 -5.97 21.19
CA PHE D 79 -28.74 -5.47 22.06
C PHE D 79 -27.53 -5.12 21.21
N PHE D 80 -26.79 -4.11 21.67
CA PHE D 80 -25.79 -3.43 20.87
C PHE D 80 -24.42 -3.51 21.52
N LEU D 81 -23.39 -3.22 20.73
CA LEU D 81 -22.01 -3.20 21.16
C LEU D 81 -21.34 -1.92 20.68
N LYS D 82 -20.49 -1.34 21.54
CA LYS D 82 -19.71 -0.17 21.15
C LYS D 82 -18.31 -0.31 21.73
N LEU D 83 -17.31 -0.22 20.86
CA LEU D 83 -15.91 -0.31 21.24
C LEU D 83 -15.21 0.97 20.80
N ASN D 84 -14.65 1.70 21.75
CA ASN D 84 -14.02 2.98 21.47
C ASN D 84 -12.52 2.81 21.26
N SER D 85 -11.94 3.73 20.47
CA SER D 85 -10.50 3.81 20.25
C SER D 85 -9.94 2.48 19.76
N VAL D 86 -10.53 1.99 18.66
CA VAL D 86 -10.17 0.67 18.15
C VAL D 86 -8.80 0.72 17.47
N THR D 87 -8.06 -0.37 17.59
CA THR D 87 -6.77 -0.54 16.95
C THR D 87 -6.85 -1.70 15.97
N THR D 88 -5.74 -1.94 15.25
CA THR D 88 -5.70 -3.03 14.29
C THR D 88 -5.85 -4.39 14.96
N GLU D 89 -5.52 -4.50 16.25
CA GLU D 89 -5.75 -5.75 16.96
C GLU D 89 -7.23 -6.04 17.17
N ASP D 90 -8.09 -5.03 17.03
CA ASP D 90 -9.53 -5.25 17.13
C ASP D 90 -10.12 -5.85 15.86
N THR D 91 -9.33 -6.01 14.80
CA THR D 91 -9.76 -6.70 13.59
C THR D 91 -10.06 -8.15 13.91
N ALA D 92 -11.34 -8.54 13.84
CA ALA D 92 -11.77 -9.87 14.25
C ALA D 92 -13.17 -10.11 13.69
N THR D 93 -13.66 -11.33 13.91
CA THR D 93 -15.05 -11.70 13.59
C THR D 93 -15.85 -11.66 14.89
N TYR D 94 -16.89 -10.82 14.90
CA TYR D 94 -17.65 -10.55 16.12
C TYR D 94 -18.96 -11.33 16.12
N TYR D 95 -19.25 -11.98 17.24
CA TYR D 95 -20.46 -12.78 17.40
C TYR D 95 -21.29 -12.26 18.56
N CYS D 96 -22.60 -12.49 18.49
CA CYS D 96 -23.50 -12.30 19.62
C CYS D 96 -24.17 -13.62 19.94
N ALA D 97 -24.39 -13.87 21.23
CA ALA D 97 -24.91 -15.16 21.68
C ALA D 97 -25.80 -14.97 22.90
N ARG D 98 -26.68 -15.95 23.11
CA ARG D 98 -27.53 -15.99 24.30
C ARG D 98 -26.82 -16.59 25.51
N GLY D 99 -25.53 -16.86 25.41
CA GLY D 99 -24.79 -17.48 26.49
C GLY D 99 -24.22 -18.81 26.08
N GLY D 100 -23.66 -18.88 24.87
CA GLY D 100 -23.09 -20.11 24.35
C GLY D 100 -24.08 -21.08 23.75
N ASP D 101 -25.37 -20.98 24.09
CA ASP D 101 -26.35 -21.92 23.58
C ASP D 101 -26.89 -21.56 22.20
N TYR D 102 -26.82 -20.30 21.81
CA TYR D 102 -27.28 -19.88 20.48
C TYR D 102 -26.42 -18.73 20.01
N TRP D 103 -25.73 -18.92 18.89
CA TRP D 103 -24.82 -17.92 18.35
C TRP D 103 -25.39 -17.32 17.07
N GLY D 104 -24.86 -16.15 16.70
CA GLY D 104 -25.17 -15.56 15.42
C GLY D 104 -24.17 -15.94 14.35
N GLN D 105 -24.47 -15.54 13.11
CA GLN D 105 -23.57 -15.83 12.00
C GLN D 105 -22.21 -15.17 12.19
N GLY D 106 -22.20 -13.92 12.67
CA GLY D 106 -20.97 -13.23 12.90
C GLY D 106 -20.58 -12.28 11.78
N THR D 107 -20.14 -11.08 12.13
CA THR D 107 -19.70 -10.09 11.16
C THR D 107 -18.20 -9.88 11.31
N SER D 108 -17.52 -9.74 10.17
CA SER D 108 -16.07 -9.55 10.14
C SER D 108 -15.77 -8.06 10.09
N VAL D 109 -15.19 -7.54 11.17
CA VAL D 109 -14.82 -6.14 11.27
C VAL D 109 -13.33 -6.01 11.03
N THR D 110 -12.94 -5.07 10.17
CA THR D 110 -11.54 -4.81 9.85
C THR D 110 -11.20 -3.39 10.25
N VAL D 111 -10.19 -3.24 11.11
CA VAL D 111 -9.70 -1.94 11.53
C VAL D 111 -8.45 -1.64 10.73
N SER D 112 -8.53 -0.66 9.83
CA SER D 112 -7.42 -0.36 8.94
C SER D 112 -7.56 1.08 8.44
N SER D 113 -6.41 1.69 8.17
CA SER D 113 -6.36 3.00 7.54
C SER D 113 -6.33 2.92 6.03
N ALA D 114 -6.25 1.72 5.46
CA ALA D 114 -6.21 1.57 4.01
C ALA D 114 -7.52 1.98 3.38
N SER D 115 -7.43 2.49 2.15
CA SER D 115 -8.59 2.86 1.36
C SER D 115 -8.88 1.79 0.32
N THR D 116 -10.05 1.90 -0.30
CA THR D 116 -10.46 0.96 -1.33
C THR D 116 -9.46 0.97 -2.49
N LYS D 117 -9.04 -0.22 -2.92
CA LYS D 117 -8.12 -0.33 -4.04
C LYS D 117 -8.35 -1.66 -4.74
N GLY D 118 -8.46 -1.61 -6.07
CA GLY D 118 -8.57 -2.80 -6.87
C GLY D 118 -7.25 -3.53 -6.98
N PRO D 119 -7.30 -4.83 -7.27
CA PRO D 119 -6.07 -5.63 -7.29
C PRO D 119 -5.36 -5.63 -8.64
N SER D 120 -4.04 -5.73 -8.57
CA SER D 120 -3.26 -6.05 -9.75
C SER D 120 -3.17 -7.57 -9.88
N VAL D 121 -3.32 -8.05 -11.11
CA VAL D 121 -3.26 -9.47 -11.40
C VAL D 121 -2.05 -9.73 -12.28
N PHE D 122 -1.21 -10.68 -11.88
CA PHE D 122 0.00 -10.99 -12.60
C PHE D 122 0.07 -12.48 -12.92
N PRO D 123 0.50 -12.84 -14.12
CA PRO D 123 0.51 -14.26 -14.50
C PRO D 123 1.62 -15.03 -13.83
N LEU D 124 1.35 -16.30 -13.54
CA LEU D 124 2.34 -17.24 -13.02
C LEU D 124 2.54 -18.29 -14.11
N ALA D 125 3.49 -18.03 -15.01
CA ALA D 125 3.65 -18.82 -16.21
C ALA D 125 4.42 -20.11 -15.94
N PRO D 126 4.06 -21.20 -16.61
CA PRO D 126 4.86 -22.43 -16.54
C PRO D 126 5.96 -22.46 -17.59
N SER D 127 7.01 -23.21 -17.27
CA SER D 127 8.15 -23.33 -18.18
C SER D 127 9.02 -24.49 -17.75
N SER D 128 9.72 -25.08 -18.71
CA SER D 128 10.69 -26.14 -18.47
C SER D 128 10.10 -27.30 -17.67
N GLY D 133 7.81 -32.65 -18.66
CA GLY D 133 6.56 -33.21 -19.14
C GLY D 133 5.69 -33.76 -18.03
N GLY D 134 4.54 -34.30 -18.42
CA GLY D 134 3.62 -34.89 -17.46
C GLY D 134 2.55 -33.93 -16.97
N THR D 135 2.81 -33.26 -15.86
CA THR D 135 1.86 -32.36 -15.24
C THR D 135 2.47 -30.96 -15.12
N ALA D 136 1.74 -29.96 -15.59
CA ALA D 136 2.17 -28.57 -15.51
C ALA D 136 1.30 -27.81 -14.52
N ALA D 137 1.88 -26.75 -13.95
CA ALA D 137 1.17 -25.88 -13.02
C ALA D 137 1.31 -24.44 -13.47
N LEU D 138 0.22 -23.68 -13.34
CA LEU D 138 0.21 -22.27 -13.68
C LEU D 138 -0.84 -21.57 -12.83
N GLY D 139 -0.78 -20.24 -12.83
CA GLY D 139 -1.73 -19.48 -12.06
C GLY D 139 -1.56 -18.00 -12.24
N CYS D 140 -2.03 -17.25 -11.24
CA CYS D 140 -1.92 -15.80 -11.27
C CYS D 140 -1.84 -15.27 -9.84
N LEU D 141 -1.13 -14.16 -9.69
CA LEU D 141 -0.99 -13.47 -8.42
C LEU D 141 -1.94 -12.29 -8.39
N VAL D 142 -2.81 -12.24 -7.39
CA VAL D 142 -3.76 -11.16 -7.19
C VAL D 142 -3.26 -10.37 -5.99
N LYS D 143 -2.50 -9.31 -6.25
CA LYS D 143 -1.71 -8.64 -5.22
C LYS D 143 -2.19 -7.21 -5.01
N ASP D 144 -2.13 -6.77 -3.74
CA ASP D 144 -2.37 -5.38 -3.35
C ASP D 144 -3.79 -4.92 -3.66
N TYR D 145 -4.75 -5.35 -2.84
CA TYR D 145 -6.12 -4.87 -2.93
C TYR D 145 -6.67 -4.67 -1.54
N PHE D 146 -7.71 -3.84 -1.44
CA PHE D 146 -8.40 -3.62 -0.18
C PHE D 146 -9.82 -3.16 -0.48
N PRO D 147 -10.82 -3.68 0.24
CA PRO D 147 -10.75 -4.73 1.25
C PRO D 147 -11.16 -6.10 0.71
N GLU D 148 -11.27 -7.10 1.58
CA GLU D 148 -11.77 -8.40 1.20
C GLU D 148 -13.24 -8.29 0.78
N PRO D 149 -13.74 -9.25 -0.01
CA PRO D 149 -13.05 -10.41 -0.61
C PRO D 149 -12.72 -10.24 -2.08
N VAL D 150 -12.21 -11.31 -2.70
CA VAL D 150 -11.89 -11.34 -4.12
C VAL D 150 -12.27 -12.71 -4.65
N THR D 151 -12.93 -12.73 -5.81
CA THR D 151 -13.32 -13.97 -6.48
C THR D 151 -12.40 -14.23 -7.66
N VAL D 152 -12.00 -15.48 -7.83
CA VAL D 152 -11.15 -15.90 -8.94
C VAL D 152 -11.78 -17.14 -9.58
N SER D 153 -11.88 -17.13 -10.91
CA SER D 153 -12.32 -18.28 -11.68
C SER D 153 -11.36 -18.49 -12.85
N TRP D 154 -11.54 -19.62 -13.53
CA TRP D 154 -10.67 -19.98 -14.65
C TRP D 154 -11.52 -20.31 -15.87
N ASN D 155 -11.18 -19.70 -17.01
CA ASN D 155 -11.90 -19.91 -18.27
C ASN D 155 -13.39 -19.67 -18.09
N SER D 156 -13.73 -18.61 -17.37
CA SER D 156 -15.11 -18.22 -17.09
C SER D 156 -15.89 -19.35 -16.42
N GLY D 157 -15.19 -20.20 -15.66
CA GLY D 157 -15.81 -21.30 -14.96
C GLY D 157 -15.68 -22.65 -15.64
N ALA D 158 -15.19 -22.69 -16.88
CA ALA D 158 -15.04 -23.95 -17.59
C ALA D 158 -13.89 -24.80 -17.07
N LEU D 159 -13.04 -24.24 -16.20
CA LEU D 159 -11.90 -24.96 -15.64
C LEU D 159 -12.04 -24.96 -14.12
N THR D 160 -12.29 -26.14 -13.54
CA THR D 160 -12.46 -26.27 -12.10
C THR D 160 -11.64 -27.38 -11.48
N SER D 161 -11.14 -28.34 -12.26
CA SER D 161 -10.39 -29.46 -11.70
C SER D 161 -8.96 -29.03 -11.40
N GLY D 162 -8.49 -29.33 -10.19
CA GLY D 162 -7.13 -29.00 -9.80
C GLY D 162 -6.87 -27.54 -9.53
N VAL D 163 -7.90 -26.77 -9.19
CA VAL D 163 -7.76 -25.35 -8.92
C VAL D 163 -7.67 -25.12 -7.42
N HIS D 164 -6.70 -24.30 -7.00
CA HIS D 164 -6.55 -23.93 -5.60
C HIS D 164 -6.43 -22.42 -5.51
N THR D 165 -7.36 -21.78 -4.82
CA THR D 165 -7.33 -20.34 -4.56
C THR D 165 -7.01 -20.16 -3.07
N PHE D 166 -5.80 -19.72 -2.77
CA PHE D 166 -5.34 -19.63 -1.39
C PHE D 166 -5.99 -18.47 -0.66
N PRO D 167 -6.13 -18.59 0.66
CA PRO D 167 -6.62 -17.45 1.45
C PRO D 167 -5.67 -16.26 1.34
N ALA D 168 -6.24 -15.06 1.51
CA ALA D 168 -5.44 -13.85 1.38
C ALA D 168 -4.56 -13.65 2.60
N VAL D 169 -3.37 -13.12 2.36
CA VAL D 169 -2.47 -12.72 3.44
C VAL D 169 -2.45 -11.20 3.48
N LEU D 170 -2.25 -10.65 4.67
CA LEU D 170 -2.19 -9.21 4.87
C LEU D 170 -0.72 -8.81 4.95
N GLN D 171 -0.22 -8.17 3.89
CA GLN D 171 1.15 -7.72 3.84
C GLN D 171 1.38 -6.57 4.83
N SER D 172 2.65 -6.25 5.06
CA SER D 172 2.97 -5.14 5.96
C SER D 172 2.48 -3.81 5.42
N SER D 173 2.22 -3.72 4.12
CA SER D 173 1.71 -2.49 3.52
C SER D 173 0.27 -2.20 3.91
N GLY D 174 -0.44 -3.15 4.52
CA GLY D 174 -1.85 -2.99 4.82
C GLY D 174 -2.78 -3.46 3.73
N LEU D 175 -2.27 -4.06 2.66
CA LEU D 175 -3.06 -4.55 1.55
C LEU D 175 -3.01 -6.07 1.52
N TYR D 176 -4.03 -6.66 0.89
CA TYR D 176 -4.14 -8.11 0.82
C TYR D 176 -3.55 -8.63 -0.49
N SER D 177 -3.26 -9.93 -0.48
CA SER D 177 -2.67 -10.58 -1.64
C SER D 177 -2.93 -12.08 -1.56
N LEU D 178 -3.26 -12.68 -2.70
CA LEU D 178 -3.47 -14.11 -2.80
C LEU D 178 -3.01 -14.59 -4.17
N SER D 179 -3.09 -15.89 -4.40
CA SER D 179 -2.79 -16.46 -5.71
C SER D 179 -3.70 -17.66 -5.93
N SER D 180 -4.01 -17.93 -7.19
CA SER D 180 -4.78 -19.09 -7.60
C SER D 180 -3.96 -19.91 -8.57
N VAL D 181 -3.75 -21.18 -8.27
CA VAL D 181 -2.97 -22.08 -9.12
C VAL D 181 -3.89 -23.17 -9.65
N VAL D 182 -3.52 -23.74 -10.78
CA VAL D 182 -4.31 -24.79 -11.43
C VAL D 182 -3.38 -25.89 -11.91
N THR D 183 -3.82 -27.13 -11.76
CA THR D 183 -3.08 -28.30 -12.24
C THR D 183 -3.60 -28.67 -13.62
N VAL D 184 -2.73 -28.60 -14.62
CA VAL D 184 -3.13 -28.88 -16.01
C VAL D 184 -2.14 -29.89 -16.60
N PRO D 185 -2.53 -30.59 -17.65
CA PRO D 185 -1.58 -31.44 -18.36
C PRO D 185 -0.53 -30.60 -19.07
N SER D 186 0.72 -31.06 -19.03
CA SER D 186 1.80 -30.35 -19.70
C SER D 186 1.63 -30.37 -21.21
N SER D 187 0.96 -31.39 -21.75
CA SER D 187 0.70 -31.44 -23.19
C SER D 187 -0.34 -30.42 -23.63
N SER D 188 -1.03 -29.77 -22.69
CA SER D 188 -2.04 -28.77 -23.02
C SER D 188 -1.50 -27.35 -22.96
N LEU D 189 -0.21 -27.18 -22.65
CA LEU D 189 0.36 -25.83 -22.58
C LEU D 189 0.43 -25.18 -23.96
N GLY D 190 0.63 -25.96 -25.01
CA GLY D 190 0.68 -25.46 -26.37
C GLY D 190 -0.61 -25.56 -27.14
N THR D 191 -1.65 -26.16 -26.57
CA THR D 191 -2.93 -26.34 -27.26
C THR D 191 -4.06 -25.54 -26.64
N GLN D 192 -4.19 -25.54 -25.32
CA GLN D 192 -5.31 -24.89 -24.65
C GLN D 192 -4.85 -23.62 -23.95
N THR D 193 -5.65 -22.57 -24.06
CA THR D 193 -5.37 -21.29 -23.43
C THR D 193 -6.06 -21.22 -22.07
N TYR D 194 -5.36 -20.67 -21.09
CA TYR D 194 -5.87 -20.54 -19.72
C TYR D 194 -5.90 -19.07 -19.33
N ILE D 195 -7.03 -18.65 -18.76
CA ILE D 195 -7.28 -17.24 -18.47
C ILE D 195 -7.91 -17.12 -17.09
N CYS D 196 -7.40 -16.18 -16.28
CA CYS D 196 -7.91 -15.94 -14.94
C CYS D 196 -8.96 -14.83 -14.96
N ASN D 197 -9.98 -14.98 -14.13
CA ASN D 197 -11.05 -13.99 -14.01
C ASN D 197 -11.10 -13.54 -12.56
N VAL D 198 -10.65 -12.31 -12.30
CA VAL D 198 -10.59 -11.75 -10.96
C VAL D 198 -11.61 -10.62 -10.86
N ASN D 199 -12.43 -10.67 -9.82
CA ASN D 199 -13.49 -9.70 -9.60
C ASN D 199 -13.41 -9.16 -8.18
N HIS D 200 -13.33 -7.84 -8.05
CA HIS D 200 -13.29 -7.16 -6.76
C HIS D 200 -14.43 -6.15 -6.75
N LYS D 201 -15.52 -6.50 -6.07
CA LYS D 201 -16.73 -5.67 -6.03
C LYS D 201 -16.56 -4.37 -5.25
N PRO D 202 -15.84 -4.34 -4.11
CA PRO D 202 -15.66 -3.05 -3.42
C PRO D 202 -15.08 -1.95 -4.28
N SER D 203 -14.28 -2.29 -5.29
CA SER D 203 -13.73 -1.31 -6.21
C SER D 203 -14.37 -1.36 -7.59
N ASN D 204 -15.25 -2.33 -7.83
CA ASN D 204 -15.86 -2.56 -9.14
C ASN D 204 -14.80 -2.65 -10.23
N THR D 205 -13.87 -3.59 -10.04
CA THR D 205 -12.78 -3.83 -10.97
C THR D 205 -12.77 -5.30 -11.35
N LYS D 206 -13.01 -5.57 -12.63
CA LYS D 206 -12.96 -6.93 -13.17
C LYS D 206 -11.81 -7.00 -14.17
N VAL D 207 -11.01 -8.05 -14.07
CA VAL D 207 -9.80 -8.17 -14.89
C VAL D 207 -9.67 -9.61 -15.35
N ASP D 208 -9.51 -9.81 -16.66
CA ASP D 208 -9.26 -11.10 -17.26
C ASP D 208 -7.87 -11.07 -17.90
N LYS D 209 -6.95 -11.85 -17.34
CA LYS D 209 -5.56 -11.87 -17.80
C LYS D 209 -5.20 -13.27 -18.27
N ARG D 210 -4.56 -13.35 -19.43
CA ARG D 210 -4.20 -14.62 -20.05
C ARG D 210 -2.83 -15.07 -19.53
N VAL D 211 -2.75 -16.33 -19.11
CA VAL D 211 -1.53 -16.91 -18.58
C VAL D 211 -1.01 -17.91 -19.61
N GLU D 212 -0.02 -17.50 -20.39
CA GLU D 212 0.61 -18.32 -21.40
C GLU D 212 2.04 -18.66 -21.00
N PRO D 213 2.61 -19.76 -21.54
CA PRO D 213 3.99 -20.14 -21.25
C PRO D 213 5.00 -19.04 -21.60
N ASP E 1 -8.03 -15.98 36.54
CA ASP E 1 -6.74 -16.31 35.94
C ASP E 1 -6.64 -17.81 35.62
N ILE E 2 -7.77 -18.42 35.29
CA ILE E 2 -7.80 -19.83 34.90
C ILE E 2 -7.44 -19.92 33.42
N VAL E 3 -6.40 -20.69 33.11
CA VAL E 3 -5.95 -20.91 31.75
C VAL E 3 -6.34 -22.32 31.33
N LEU E 4 -6.86 -22.45 30.12
CA LEU E 4 -7.29 -23.73 29.57
C LEU E 4 -6.30 -24.19 28.51
N THR E 5 -5.67 -25.34 28.74
CA THR E 5 -4.69 -25.91 27.82
C THR E 5 -5.29 -27.15 27.17
N GLN E 6 -5.47 -27.10 25.85
CA GLN E 6 -6.03 -28.21 25.09
C GLN E 6 -4.92 -29.01 24.41
N THR E 7 -5.05 -30.34 24.44
CA THR E 7 -4.08 -31.23 23.84
C THR E 7 -4.82 -32.34 23.10
N PRO E 8 -4.36 -32.69 21.88
CA PRO E 8 -3.24 -32.10 21.15
C PRO E 8 -3.66 -30.82 20.43
N ALA E 9 -2.72 -30.09 19.83
CA ALA E 9 -3.10 -28.91 19.05
C ALA E 9 -3.83 -29.32 17.77
N ILE E 10 -3.37 -30.39 17.13
CA ILE E 10 -4.02 -30.94 15.94
C ILE E 10 -4.19 -32.45 16.15
N MET E 11 -5.38 -32.95 15.83
CA MET E 11 -5.70 -34.37 15.98
C MET E 11 -6.02 -34.95 14.62
N SER E 12 -5.29 -35.99 14.23
CA SER E 12 -5.49 -36.68 12.96
C SER E 12 -6.13 -38.03 13.24
N ALA E 13 -7.32 -38.26 12.69
CA ALA E 13 -8.08 -39.47 12.94
C ALA E 13 -8.54 -40.09 11.62
N SER E 14 -8.43 -41.41 11.53
CA SER E 14 -8.90 -42.14 10.36
C SER E 14 -10.41 -42.32 10.44
N PRO E 15 -11.06 -42.57 9.29
CA PRO E 15 -12.51 -42.82 9.30
C PRO E 15 -12.86 -44.05 10.12
N GLY E 16 -13.62 -43.85 11.19
CA GLY E 16 -14.04 -44.92 12.06
C GLY E 16 -13.22 -45.12 13.31
N GLU E 17 -12.28 -44.23 13.60
CA GLU E 17 -11.40 -44.38 14.76
C GLU E 17 -11.98 -43.66 15.96
N LYS E 18 -11.74 -44.22 17.15
CA LYS E 18 -12.12 -43.61 18.40
C LYS E 18 -10.97 -42.75 18.91
N VAL E 19 -11.21 -41.44 19.08
CA VAL E 19 -10.20 -40.50 19.52
C VAL E 19 -10.75 -39.70 20.69
N THR E 20 -9.83 -39.07 21.43
CA THR E 20 -10.17 -38.32 22.64
C THR E 20 -9.36 -37.04 22.67
N LEU E 21 -10.04 -35.91 22.92
CA LEU E 21 -9.40 -34.61 23.07
C LEU E 21 -9.42 -34.21 24.53
N THR E 22 -8.29 -33.75 25.05
CA THR E 22 -8.12 -33.48 26.46
C THR E 22 -7.96 -31.98 26.73
N CYS E 23 -8.63 -31.50 27.78
CA CYS E 23 -8.51 -30.13 28.24
C CYS E 23 -8.08 -30.12 29.69
N SER E 24 -7.09 -29.28 30.02
CA SER E 24 -6.61 -29.10 31.37
C SER E 24 -6.87 -27.67 31.83
N ALA E 25 -7.10 -27.51 33.14
CA ALA E 25 -7.38 -26.21 33.74
C ALA E 25 -6.34 -25.91 34.81
N SER E 26 -6.05 -24.62 35.00
CA SER E 26 -5.07 -24.21 35.99
C SER E 26 -5.51 -24.59 37.40
N SER E 27 -6.77 -24.32 37.74
CA SER E 27 -7.36 -24.74 39.00
C SER E 27 -8.68 -25.44 38.72
N SER E 28 -9.26 -26.02 39.77
CA SER E 28 -10.45 -26.85 39.61
C SER E 28 -11.63 -26.03 39.14
N VAL E 29 -12.35 -26.56 38.15
CA VAL E 29 -13.57 -25.95 37.63
C VAL E 29 -14.71 -26.92 37.86
N SER E 30 -15.90 -26.37 38.13
CA SER E 30 -17.06 -27.19 38.43
C SER E 30 -17.63 -27.85 37.19
N TYR E 31 -17.64 -27.15 36.06
CA TYR E 31 -18.17 -27.68 34.82
C TYR E 31 -17.36 -27.17 33.65
N MET E 32 -17.40 -27.92 32.55
CA MET E 32 -16.66 -27.59 31.34
C MET E 32 -17.58 -27.69 30.14
N HIS E 33 -17.40 -26.78 29.18
CA HIS E 33 -18.22 -26.74 27.98
C HIS E 33 -17.33 -26.97 26.75
N TRP E 34 -17.95 -27.51 25.70
CA TRP E 34 -17.24 -27.82 24.46
C TRP E 34 -18.03 -27.27 23.28
N PHE E 35 -17.32 -26.60 22.36
CA PHE E 35 -17.94 -25.99 21.20
C PHE E 35 -17.28 -26.50 19.92
N GLN E 36 -18.09 -26.76 18.91
CA GLN E 36 -17.61 -27.16 17.59
C GLN E 36 -17.71 -25.98 16.64
N GLN E 37 -16.64 -25.75 15.88
CA GLN E 37 -16.61 -24.66 14.91
C GLN E 37 -15.87 -25.12 13.67
N LYS E 38 -16.52 -25.02 12.51
CA LYS E 38 -15.91 -25.34 11.23
C LYS E 38 -15.39 -24.07 10.57
N SER E 39 -14.61 -24.26 9.51
CA SER E 39 -13.98 -23.14 8.82
C SER E 39 -15.02 -22.17 8.30
N GLY E 40 -14.97 -20.94 8.80
CA GLY E 40 -15.90 -19.91 8.36
C GLY E 40 -17.29 -19.97 8.94
N THR E 41 -17.56 -20.91 9.85
CA THR E 41 -18.86 -21.04 10.49
C THR E 41 -18.79 -20.54 11.92
N SER E 42 -19.96 -20.36 12.51
CA SER E 42 -20.06 -19.88 13.89
C SER E 42 -19.86 -21.05 14.86
N PRO E 43 -19.23 -20.80 16.01
CA PRO E 43 -19.08 -21.88 17.01
C PRO E 43 -20.45 -22.37 17.49
N LYS E 44 -20.66 -23.67 17.39
CA LYS E 44 -21.87 -24.32 17.86
C LYS E 44 -21.65 -24.93 19.24
N ARG E 45 -22.66 -24.84 20.09
CA ARG E 45 -22.60 -25.50 21.39
C ARG E 45 -22.68 -27.00 21.19
N TRP E 46 -21.62 -27.72 21.58
CA TRP E 46 -21.52 -29.15 21.36
C TRP E 46 -21.71 -29.96 22.63
N ILE E 47 -20.92 -29.67 23.66
CA ILE E 47 -21.06 -30.30 24.97
C ILE E 47 -21.08 -29.20 26.02
N TYR E 48 -22.11 -29.23 26.88
CA TYR E 48 -22.21 -28.30 27.99
C TYR E 48 -22.28 -29.08 29.30
N ASP E 49 -21.90 -28.41 30.38
CA ASP E 49 -21.92 -28.99 31.72
C ASP E 49 -21.17 -30.32 31.76
N THR E 50 -19.95 -30.31 31.24
CA THR E 50 -19.00 -31.43 31.29
C THR E 50 -19.43 -32.62 30.44
N SER E 51 -20.67 -33.12 30.62
CA SER E 51 -21.06 -34.37 30.00
C SER E 51 -22.37 -34.34 29.24
N LYS E 52 -23.02 -33.18 29.11
CA LYS E 52 -24.32 -33.11 28.45
C LYS E 52 -24.14 -32.86 26.96
N LEU E 53 -24.91 -33.59 26.15
CA LEU E 53 -24.94 -33.38 24.72
C LEU E 53 -26.01 -32.37 24.36
N ALA E 54 -25.69 -31.48 23.42
CA ALA E 54 -26.67 -30.51 22.94
C ALA E 54 -27.56 -31.16 21.87
N SER E 55 -28.62 -30.45 21.52
CA SER E 55 -29.54 -30.95 20.49
C SER E 55 -28.82 -31.01 19.14
N GLY E 56 -29.04 -32.10 18.42
CA GLY E 56 -28.42 -32.29 17.13
C GLY E 56 -27.01 -32.85 17.17
N VAL E 57 -26.55 -33.31 18.32
CA VAL E 57 -25.22 -33.91 18.45
C VAL E 57 -25.39 -35.43 18.42
N PRO E 58 -24.73 -36.12 17.50
CA PRO E 58 -24.87 -37.59 17.44
C PRO E 58 -24.34 -38.25 18.70
N ALA E 59 -24.74 -39.51 18.89
CA ALA E 59 -24.36 -40.25 20.09
C ALA E 59 -22.89 -40.63 20.11
N ARG E 60 -22.17 -40.44 19.00
CA ARG E 60 -20.75 -40.81 18.97
C ARG E 60 -19.88 -39.87 19.80
N PHE E 61 -20.38 -38.68 20.13
CA PHE E 61 -19.65 -37.74 20.95
C PHE E 61 -19.94 -37.98 22.42
N SER E 62 -18.94 -37.70 23.26
CA SER E 62 -19.07 -37.87 24.69
C SER E 62 -18.17 -36.88 25.40
N GLY E 63 -18.59 -36.46 26.58
CA GLY E 63 -17.78 -35.59 27.41
C GLY E 63 -17.67 -36.13 28.83
N SER E 64 -16.50 -35.93 29.43
CA SER E 64 -16.24 -36.46 30.76
C SER E 64 -15.19 -35.59 31.43
N GLY E 65 -14.90 -35.90 32.69
CA GLY E 65 -13.87 -35.23 33.44
C GLY E 65 -14.42 -34.51 34.66
N SER E 66 -13.49 -34.10 35.52
CA SER E 66 -13.81 -33.34 36.72
C SER E 66 -12.53 -32.69 37.23
N GLY E 67 -12.70 -31.70 38.11
CA GLY E 67 -11.57 -31.02 38.69
C GLY E 67 -10.80 -30.16 37.71
N THR E 68 -9.66 -30.66 37.25
CA THR E 68 -8.77 -29.89 36.37
C THR E 68 -8.50 -30.59 35.04
N SER E 69 -9.18 -31.69 34.74
CA SER E 69 -8.94 -32.44 33.52
C SER E 69 -10.26 -32.95 32.96
N TYR E 70 -10.57 -32.57 31.72
CA TYR E 70 -11.78 -32.98 31.03
C TYR E 70 -11.41 -33.51 29.66
N SER E 71 -12.35 -34.21 29.02
CA SER E 71 -12.07 -34.86 27.75
C SER E 71 -13.32 -34.92 26.89
N LEU E 72 -13.12 -34.84 25.58
CA LEU E 72 -14.16 -35.02 24.58
C LEU E 72 -13.79 -36.22 23.71
N THR E 73 -14.65 -37.23 23.70
CA THR E 73 -14.39 -38.49 23.01
C THR E 73 -15.36 -38.67 21.85
N ILE E 74 -14.82 -39.09 20.70
CA ILE E 74 -15.61 -39.40 19.52
C ILE E 74 -15.43 -40.89 19.25
N SER E 75 -16.52 -41.65 19.36
CA SER E 75 -16.41 -43.11 19.30
C SER E 75 -16.00 -43.59 17.91
N SER E 76 -16.47 -42.93 16.88
CA SER E 76 -16.18 -43.33 15.49
C SER E 76 -16.04 -42.08 14.65
N MET E 77 -14.81 -41.78 14.23
CA MET E 77 -14.55 -40.58 13.46
C MET E 77 -15.23 -40.65 12.10
N GLU E 78 -15.87 -39.55 11.70
CA GLU E 78 -16.52 -39.43 10.40
C GLU E 78 -16.02 -38.16 9.71
N ALA E 79 -16.34 -38.04 8.43
CA ALA E 79 -15.89 -36.89 7.64
C ALA E 79 -16.53 -35.59 8.13
N GLU E 80 -17.80 -35.64 8.50
CA GLU E 80 -18.50 -34.45 8.95
C GLU E 80 -18.08 -34.00 10.35
N ASP E 81 -17.16 -34.70 10.99
CA ASP E 81 -16.69 -34.34 12.32
C ASP E 81 -15.37 -33.58 12.30
N ALA E 82 -14.80 -33.32 11.12
CA ALA E 82 -13.53 -32.62 11.01
C ALA E 82 -13.77 -31.13 11.22
N ALA E 83 -13.35 -30.62 12.38
CA ALA E 83 -13.52 -29.22 12.73
C ALA E 83 -12.66 -28.93 13.96
N ALA E 84 -12.68 -27.68 14.39
CA ALA E 84 -12.01 -27.26 15.62
C ALA E 84 -12.96 -27.40 16.80
N TYR E 85 -12.42 -27.79 17.95
CA TYR E 85 -13.20 -28.01 19.16
C TYR E 85 -12.59 -27.20 20.29
N TYR E 86 -13.37 -26.30 20.87
CA TYR E 86 -12.92 -25.39 21.90
C TYR E 86 -13.55 -25.74 23.24
N CYS E 87 -12.76 -25.67 24.30
CA CYS E 87 -13.24 -25.84 25.66
C CYS E 87 -13.46 -24.47 26.29
N GLN E 88 -14.42 -24.41 27.22
CA GLN E 88 -14.82 -23.13 27.79
C GLN E 88 -15.37 -23.35 29.19
N GLN E 89 -15.10 -22.39 30.08
CA GLN E 89 -15.59 -22.42 31.45
C GLN E 89 -15.94 -21.00 31.88
N TRP E 90 -16.60 -20.90 33.04
CA TRP E 90 -17.08 -19.62 33.57
C TRP E 90 -16.72 -19.54 35.04
N SER E 91 -16.07 -18.45 35.44
CA SER E 91 -15.65 -18.24 36.82
C SER E 91 -16.58 -17.24 37.51
N SER E 92 -16.56 -17.27 38.85
CA SER E 92 -17.55 -16.55 39.63
C SER E 92 -16.99 -15.28 40.26
N ASP E 93 -16.22 -15.44 41.35
CA ASP E 93 -15.75 -14.27 42.10
C ASP E 93 -14.98 -13.29 41.22
N PRO E 94 -14.03 -13.70 40.40
CA PRO E 94 -13.61 -12.84 39.29
C PRO E 94 -14.32 -13.26 38.01
N PRO E 95 -15.45 -12.63 37.69
CA PRO E 95 -16.28 -13.11 36.58
C PRO E 95 -15.54 -13.04 35.25
N MET E 96 -15.39 -14.20 34.61
CA MET E 96 -14.64 -14.29 33.37
C MET E 96 -15.11 -15.51 32.60
N LEU E 97 -15.26 -15.35 31.28
CA LEU E 97 -15.65 -16.43 30.37
C LEU E 97 -14.42 -16.75 29.53
N THR E 98 -13.73 -17.83 29.88
CA THR E 98 -12.46 -18.18 29.30
C THR E 98 -12.61 -19.36 28.33
N PHE E 99 -11.96 -19.25 27.18
CA PHE E 99 -11.90 -20.32 26.19
C PHE E 99 -10.52 -20.97 26.20
N GLY E 100 -10.44 -22.14 25.56
CA GLY E 100 -9.15 -22.76 25.29
C GLY E 100 -8.64 -22.39 23.91
N ALA E 101 -7.38 -22.75 23.66
CA ALA E 101 -6.76 -22.45 22.38
C ALA E 101 -7.43 -23.17 21.22
N GLY E 102 -8.13 -24.27 21.49
CA GLY E 102 -8.82 -24.99 20.44
C GLY E 102 -8.00 -26.14 19.89
N THR E 103 -8.64 -27.31 19.71
CA THR E 103 -8.01 -28.48 19.13
C THR E 103 -8.62 -28.72 17.75
N LYS E 104 -7.77 -28.75 16.72
CA LYS E 104 -8.21 -29.02 15.37
C LYS E 104 -8.25 -30.53 15.14
N LEU E 105 -9.39 -31.03 14.65
CA LEU E 105 -9.58 -32.43 14.35
C LEU E 105 -9.64 -32.58 12.83
N GLU E 106 -8.62 -33.24 12.26
CA GLU E 106 -8.57 -33.47 10.83
C GLU E 106 -8.70 -34.96 10.53
N LEU E 107 -9.17 -35.26 9.34
CA LEU E 107 -9.30 -36.64 8.89
C LEU E 107 -7.96 -37.16 8.39
N LYS E 108 -7.54 -38.31 8.91
CA LYS E 108 -6.24 -38.87 8.54
C LYS E 108 -6.36 -39.64 7.23
N ARG E 109 -5.37 -39.43 6.36
CA ARG E 109 -5.24 -40.18 5.11
C ARG E 109 -3.79 -40.62 4.97
N THR E 110 -3.50 -41.30 3.87
CA THR E 110 -2.14 -41.78 3.64
C THR E 110 -1.20 -40.62 3.33
N VAL E 111 0.09 -40.88 3.51
CA VAL E 111 1.11 -39.85 3.30
C VAL E 111 1.23 -39.57 1.81
N ALA E 112 1.27 -38.29 1.44
CA ALA E 112 1.41 -37.87 0.05
C ALA E 112 2.43 -36.74 -0.02
N ALA E 113 3.48 -36.95 -0.80
CA ALA E 113 4.52 -35.93 -0.95
C ALA E 113 3.99 -34.78 -1.80
N PRO E 114 4.44 -33.56 -1.52
CA PRO E 114 3.98 -32.40 -2.31
C PRO E 114 4.65 -32.33 -3.67
N SER E 115 3.86 -31.95 -4.67
CA SER E 115 4.41 -31.56 -5.97
C SER E 115 4.87 -30.11 -5.88
N VAL E 116 6.12 -29.86 -6.25
CA VAL E 116 6.76 -28.56 -6.05
C VAL E 116 6.86 -27.84 -7.39
N PHE E 117 6.56 -26.54 -7.38
CA PHE E 117 6.68 -25.69 -8.55
C PHE E 117 7.19 -24.32 -8.10
N ILE E 118 7.93 -23.66 -8.99
CA ILE E 118 8.46 -22.33 -8.73
C ILE E 118 8.00 -21.41 -9.86
N PHE E 119 7.61 -20.19 -9.52
CA PHE E 119 7.09 -19.22 -10.49
C PHE E 119 7.90 -17.94 -10.38
N PRO E 120 8.58 -17.52 -11.44
CA PRO E 120 9.33 -16.28 -11.40
C PRO E 120 8.39 -15.08 -11.51
N PRO E 121 8.85 -13.88 -11.16
CA PRO E 121 7.98 -12.70 -11.31
C PRO E 121 7.74 -12.38 -12.78
N SER E 122 6.49 -12.05 -13.09
CA SER E 122 6.13 -11.73 -14.47
C SER E 122 6.73 -10.38 -14.88
N ASP E 123 6.82 -10.17 -16.20
CA ASP E 123 7.33 -8.90 -16.69
C ASP E 123 6.39 -7.75 -16.36
N GLU E 124 5.08 -8.00 -16.29
CA GLU E 124 4.15 -6.94 -15.93
C GLU E 124 4.40 -6.45 -14.51
N GLN E 125 4.74 -7.35 -13.59
CA GLN E 125 5.01 -6.95 -12.22
C GLN E 125 6.34 -6.22 -12.09
N LEU E 126 7.34 -6.63 -12.87
CA LEU E 126 8.64 -5.98 -12.81
C LEU E 126 8.55 -4.53 -13.25
N LYS E 127 7.59 -4.20 -14.12
CA LYS E 127 7.37 -2.80 -14.51
C LYS E 127 6.74 -1.98 -13.39
N SER E 128 6.20 -2.62 -12.36
CA SER E 128 5.67 -1.94 -11.19
C SER E 128 6.68 -1.84 -10.07
N GLY E 129 7.95 -2.21 -10.33
CA GLY E 129 8.98 -2.12 -9.31
C GLY E 129 8.95 -3.22 -8.27
N THR E 130 8.06 -4.20 -8.40
CA THR E 130 7.92 -5.28 -7.44
C THR E 130 8.20 -6.61 -8.13
N ALA E 131 8.85 -7.52 -7.41
CA ALA E 131 9.17 -8.85 -7.91
C ALA E 131 8.72 -9.86 -6.88
N SER E 132 7.71 -10.68 -7.23
CA SER E 132 7.20 -11.71 -6.34
C SER E 132 7.53 -13.07 -6.94
N VAL E 133 8.24 -13.89 -6.18
CA VAL E 133 8.53 -15.27 -6.54
C VAL E 133 7.65 -16.18 -5.68
N VAL E 134 6.96 -17.11 -6.32
CA VAL E 134 5.98 -17.97 -5.66
C VAL E 134 6.41 -19.42 -5.80
N CYS E 135 6.31 -20.17 -4.70
CA CYS E 135 6.63 -21.59 -4.66
C CYS E 135 5.38 -22.35 -4.23
N LEU E 136 4.98 -23.32 -5.04
CA LEU E 136 3.73 -24.05 -4.83
C LEU E 136 4.01 -25.45 -4.32
N LEU E 137 3.32 -25.83 -3.25
CA LEU E 137 3.32 -27.20 -2.72
C LEU E 137 1.91 -27.74 -2.84
N ASN E 138 1.70 -28.67 -3.77
CA ASN E 138 0.37 -29.07 -4.19
C ASN E 138 0.06 -30.49 -3.74
N ASN E 139 -1.11 -30.67 -3.11
CA ASN E 139 -1.70 -31.98 -2.80
C ASN E 139 -0.72 -32.85 -1.99
N PHE E 140 -0.57 -32.45 -0.73
CA PHE E 140 0.29 -33.18 0.19
C PHE E 140 -0.42 -33.42 1.52
N TYR E 141 0.05 -34.43 2.24
CA TYR E 141 -0.44 -34.79 3.56
C TYR E 141 0.67 -35.55 4.26
N PRO E 142 0.93 -35.29 5.55
CA PRO E 142 0.24 -34.38 6.46
C PRO E 142 0.53 -32.89 6.21
N ARG E 143 0.09 -32.04 7.15
CA ARG E 143 0.16 -30.59 6.97
C ARG E 143 1.57 -30.05 7.15
N GLU E 144 2.33 -30.62 8.08
CA GLU E 144 3.62 -30.05 8.45
C GLU E 144 4.61 -30.15 7.28
N ALA E 145 5.18 -29.01 6.91
CA ALA E 145 6.17 -28.94 5.84
C ALA E 145 7.12 -27.78 6.14
N LYS E 146 8.15 -27.65 5.31
CA LYS E 146 9.16 -26.61 5.48
C LYS E 146 9.58 -26.09 4.12
N VAL E 147 9.45 -24.78 3.93
CA VAL E 147 9.84 -24.11 2.69
C VAL E 147 10.82 -23.00 3.04
N GLN E 148 11.97 -22.99 2.37
CA GLN E 148 12.98 -21.97 2.57
C GLN E 148 13.47 -21.47 1.23
N TRP E 149 13.65 -20.15 1.13
CA TRP E 149 14.13 -19.50 -0.08
C TRP E 149 15.63 -19.30 -0.02
N LYS E 150 16.30 -19.48 -1.17
CA LYS E 150 17.73 -19.27 -1.29
C LYS E 150 18.00 -18.44 -2.54
N VAL E 151 18.56 -17.26 -2.35
CA VAL E 151 18.91 -16.36 -3.45
C VAL E 151 20.42 -16.30 -3.51
N ASP E 152 21.00 -16.84 -4.59
CA ASP E 152 22.45 -17.00 -4.72
C ASP E 152 23.01 -17.76 -3.53
N ASN E 153 22.33 -18.86 -3.19
CA ASN E 153 22.72 -19.73 -2.06
C ASN E 153 22.75 -18.96 -0.74
N ALA E 154 21.79 -18.05 -0.57
CA ALA E 154 21.68 -17.27 0.66
C ALA E 154 20.26 -17.39 1.19
N LEU E 155 20.13 -17.86 2.43
CA LEU E 155 18.83 -18.08 3.04
C LEU E 155 18.14 -16.74 3.31
N GLN E 156 16.85 -16.66 2.97
CA GLN E 156 16.06 -15.45 3.16
C GLN E 156 15.24 -15.55 4.44
N SER E 157 15.18 -14.45 5.18
CA SER E 157 14.45 -14.41 6.44
C SER E 157 13.73 -13.08 6.55
N GLY E 158 12.42 -13.14 6.79
CA GLY E 158 11.61 -11.96 7.00
C GLY E 158 10.95 -11.38 5.77
N ASN E 159 11.13 -11.99 4.60
CA ASN E 159 10.55 -11.49 3.36
C ASN E 159 9.64 -12.51 2.69
N SER E 160 9.16 -13.51 3.44
CA SER E 160 8.28 -14.53 2.90
C SER E 160 6.93 -14.48 3.60
N GLN E 161 5.89 -14.83 2.85
CA GLN E 161 4.55 -15.01 3.38
C GLN E 161 3.95 -16.25 2.74
N GLU E 162 3.45 -17.16 3.56
CA GLU E 162 2.91 -18.43 3.07
C GLU E 162 1.42 -18.54 3.39
N SER E 163 0.70 -19.21 2.51
CA SER E 163 -0.72 -19.46 2.66
C SER E 163 -0.99 -20.93 2.43
N VAL E 164 -1.93 -21.50 3.17
CA VAL E 164 -2.26 -22.91 3.08
C VAL E 164 -3.77 -23.06 2.89
N THR E 165 -4.16 -24.04 2.08
CA THR E 165 -5.56 -24.34 1.86
C THR E 165 -6.09 -25.23 2.98
N GLU E 166 -7.39 -25.15 3.21
CA GLU E 166 -8.05 -26.07 4.12
C GLU E 166 -7.99 -27.49 3.54
N GLN E 167 -8.18 -28.48 4.42
CA GLN E 167 -8.15 -29.87 4.00
C GLN E 167 -9.17 -30.12 2.90
N ASP E 168 -8.70 -30.61 1.76
CA ASP E 168 -9.56 -30.74 0.58
C ASP E 168 -10.69 -31.72 0.85
N SER E 169 -11.83 -31.47 0.20
CA SER E 169 -13.05 -32.23 0.50
C SER E 169 -13.07 -33.60 -0.15
N LYS E 170 -12.27 -33.83 -1.19
CA LYS E 170 -12.29 -35.10 -1.91
C LYS E 170 -11.10 -35.99 -1.57
N ASP E 171 -9.87 -35.48 -1.70
CA ASP E 171 -8.69 -36.28 -1.43
C ASP E 171 -8.07 -36.00 -0.07
N SER E 172 -8.62 -35.05 0.70
CA SER E 172 -8.20 -34.76 2.06
C SER E 172 -6.74 -34.33 2.14
N THR E 173 -6.25 -33.63 1.13
CA THR E 173 -4.88 -33.15 1.09
C THR E 173 -4.84 -31.65 1.36
N TYR E 174 -3.61 -31.13 1.50
CA TYR E 174 -3.37 -29.71 1.68
C TYR E 174 -2.58 -29.17 0.50
N SER E 175 -2.71 -27.86 0.29
CA SER E 175 -1.93 -27.14 -0.70
C SER E 175 -1.40 -25.86 -0.09
N LEU E 176 -0.12 -25.60 -0.28
CA LEU E 176 0.55 -24.45 0.31
C LEU E 176 1.29 -23.67 -0.76
N SER E 177 1.43 -22.37 -0.54
CA SER E 177 2.22 -21.49 -1.41
C SER E 177 3.06 -20.58 -0.54
N SER E 178 4.30 -20.34 -0.98
CA SER E 178 5.21 -19.42 -0.30
C SER E 178 5.60 -18.33 -1.28
N THR E 179 5.38 -17.08 -0.90
CA THR E 179 5.63 -15.93 -1.77
C THR E 179 6.78 -15.10 -1.21
N LEU E 180 7.87 -15.00 -1.98
CA LEU E 180 8.98 -14.14 -1.67
C LEU E 180 8.80 -12.82 -2.41
N THR E 181 8.80 -11.71 -1.67
CA THR E 181 8.57 -10.39 -2.24
C THR E 181 9.82 -9.55 -2.10
N LEU E 182 10.38 -9.12 -3.23
CA LEU E 182 11.55 -8.26 -3.28
C LEU E 182 11.24 -7.03 -4.12
N SER E 183 12.14 -6.05 -4.05
CA SER E 183 12.05 -4.93 -4.97
C SER E 183 12.68 -5.31 -6.31
N LYS E 184 12.28 -4.59 -7.36
CA LYS E 184 12.81 -4.87 -8.69
C LYS E 184 14.32 -4.70 -8.73
N ALA E 185 14.85 -3.73 -7.97
CA ALA E 185 16.29 -3.52 -7.94
C ALA E 185 16.99 -4.66 -7.20
N ASP E 186 16.50 -5.02 -6.01
CA ASP E 186 17.07 -6.14 -5.27
C ASP E 186 16.93 -7.45 -6.04
N TYR E 187 15.84 -7.59 -6.81
CA TYR E 187 15.65 -8.81 -7.57
C TYR E 187 16.71 -8.96 -8.65
N GLU E 188 16.94 -7.90 -9.44
CA GLU E 188 17.94 -7.94 -10.49
C GLU E 188 19.36 -8.02 -9.97
N LYS E 189 19.56 -7.85 -8.65
CA LYS E 189 20.91 -7.93 -8.09
C LYS E 189 21.45 -9.36 -8.04
N HIS E 190 20.58 -10.36 -8.18
CA HIS E 190 20.97 -11.74 -7.97
C HIS E 190 20.57 -12.60 -9.17
N LYS E 191 21.00 -13.86 -9.15
CA LYS E 191 20.92 -14.75 -10.31
C LYS E 191 20.03 -15.95 -10.04
N VAL E 192 20.38 -16.79 -9.07
CA VAL E 192 19.68 -18.06 -8.84
C VAL E 192 18.65 -17.87 -7.74
N TYR E 193 17.40 -18.25 -8.03
CA TYR E 193 16.31 -18.23 -7.06
C TYR E 193 15.80 -19.65 -6.90
N ALA E 194 15.90 -20.18 -5.68
CA ALA E 194 15.64 -21.59 -5.41
C ALA E 194 14.67 -21.73 -4.25
N CYS E 195 13.74 -22.67 -4.39
CA CYS E 195 12.80 -23.04 -3.33
C CYS E 195 13.19 -24.42 -2.81
N GLU E 196 13.37 -24.54 -1.50
CA GLU E 196 13.77 -25.78 -0.87
C GLU E 196 12.60 -26.30 -0.03
N VAL E 197 12.15 -27.52 -0.33
CA VAL E 197 10.94 -28.08 0.25
C VAL E 197 11.30 -29.35 1.02
N THR E 198 10.66 -29.52 2.18
CA THR E 198 10.90 -30.70 3.02
C THR E 198 9.56 -31.17 3.58
N HIS E 199 9.30 -32.47 3.47
CA HIS E 199 8.04 -33.06 3.92
C HIS E 199 8.32 -34.48 4.36
N GLN E 200 7.53 -34.96 5.33
CA GLN E 200 7.78 -36.26 5.93
C GLN E 200 7.57 -37.42 4.97
N GLY E 201 7.01 -37.17 3.79
CA GLY E 201 6.97 -38.14 2.71
C GLY E 201 8.08 -38.00 1.70
N LEU E 202 9.10 -37.18 1.98
CA LEU E 202 10.22 -36.97 1.09
C LEU E 202 11.50 -37.40 1.79
N SER E 203 12.20 -38.37 1.20
CA SER E 203 13.45 -38.84 1.80
C SER E 203 14.54 -37.80 1.71
N SER E 204 14.47 -36.90 0.74
CA SER E 204 15.45 -35.85 0.52
C SER E 204 14.72 -34.57 0.13
N PRO E 205 15.26 -33.41 0.49
CA PRO E 205 14.60 -32.15 0.14
C PRO E 205 14.52 -31.96 -1.37
N VAL E 206 13.40 -31.40 -1.82
CA VAL E 206 13.17 -31.10 -3.23
C VAL E 206 13.46 -29.63 -3.47
N THR E 207 14.23 -29.33 -4.51
CA THR E 207 14.63 -27.97 -4.83
C THR E 207 14.19 -27.61 -6.24
N LYS E 208 13.49 -26.48 -6.37
CA LYS E 208 13.12 -25.91 -7.65
C LYS E 208 13.85 -24.59 -7.84
N SER E 209 14.49 -24.42 -8.99
CA SER E 209 15.35 -23.28 -9.24
C SER E 209 15.02 -22.66 -10.59
N PHE E 210 15.47 -21.42 -10.77
CA PHE E 210 15.44 -20.74 -12.06
C PHE E 210 16.47 -19.63 -12.04
N ASN E 211 17.03 -19.35 -13.21
CA ASN E 211 17.94 -18.22 -13.38
C ASN E 211 17.16 -17.02 -13.92
N ARG E 212 17.52 -15.83 -13.43
CA ARG E 212 16.76 -14.62 -13.77
C ARG E 212 16.78 -14.35 -15.27
N GLY E 213 17.94 -14.56 -15.91
CA GLY E 213 18.06 -14.24 -17.33
C GLY E 213 17.33 -15.22 -18.23
N GLU E 214 17.14 -16.45 -17.77
CA GLU E 214 16.49 -17.47 -18.59
C GLU E 214 15.02 -17.60 -18.23
N VAL F 2 -15.01 -20.95 1.17
CA VAL F 2 -16.29 -21.30 0.58
C VAL F 2 -16.09 -22.27 -0.59
N GLN F 3 -16.51 -23.51 -0.39
CA GLN F 3 -16.33 -24.57 -1.37
C GLN F 3 -17.56 -25.47 -1.40
N LEU F 4 -17.99 -25.83 -2.59
CA LEU F 4 -19.13 -26.72 -2.76
C LEU F 4 -18.70 -28.05 -3.36
N UNK F 5 -19.25 -29.14 -2.83
CA UNK F 5 -18.98 -30.48 -3.34
C UNK F 5 -20.26 -31.31 -3.33
N UNK F 6 -20.74 -31.66 -4.52
CA UNK F 6 -21.97 -32.42 -4.66
C UNK F 6 -21.70 -33.92 -4.64
N SER F 7 -22.74 -34.70 -4.34
CA SER F 7 -22.63 -36.14 -4.30
C SER F 7 -24.00 -36.79 -4.45
N GLY F 8 -24.01 -38.11 -4.62
CA GLY F 8 -25.25 -38.85 -4.74
C GLY F 8 -25.60 -39.29 -6.15
N GLY F 9 -24.80 -38.92 -7.15
CA GLY F 9 -25.08 -39.32 -8.50
C GLY F 9 -24.68 -40.76 -8.79
N GLY F 10 -25.14 -41.25 -9.94
CA GLY F 10 -24.84 -42.61 -10.34
C GLY F 10 -25.70 -43.12 -11.48
N UNK F 11 -25.72 -44.43 -11.64
CA UNK F 11 -26.49 -45.08 -12.69
C UNK F 11 -27.83 -45.57 -12.16
N VAL F 12 -28.88 -45.31 -12.94
CA VAL F 12 -30.25 -45.57 -12.53
C VAL F 12 -31.08 -45.94 -13.76
N GLN F 13 -32.01 -46.87 -13.60
CA GLN F 13 -32.90 -47.24 -14.70
C GLN F 13 -34.17 -46.39 -14.66
N UNK F 14 -34.86 -46.32 -15.80
CA UNK F 14 -36.03 -45.45 -15.95
C UNK F 14 -37.09 -45.74 -14.89
N GLY F 15 -37.50 -44.68 -14.17
CA GLY F 15 -38.52 -44.80 -13.15
C GLY F 15 -37.99 -44.77 -11.72
N UNK F 16 -36.70 -45.03 -11.55
CA UNK F 16 -36.10 -45.09 -10.22
C UNK F 16 -35.80 -43.68 -9.69
N SER F 17 -35.22 -43.61 -8.49
CA SER F 17 -35.00 -42.33 -7.82
C SER F 17 -33.54 -42.11 -7.44
N LEU F 18 -33.24 -40.89 -7.03
CA LEU F 18 -31.87 -40.52 -6.66
C LEU F 18 -31.89 -39.24 -5.80
N UNK F 19 -31.14 -39.28 -4.70
CA UNK F 19 -31.09 -38.15 -3.78
C UNK F 19 -29.72 -37.48 -3.81
N LEU F 20 -29.64 -36.32 -4.44
CA LEU F 20 -28.40 -35.57 -4.52
C LEU F 20 -28.23 -34.66 -3.31
N SER F 21 -26.98 -34.39 -2.95
CA SER F 21 -26.67 -33.53 -1.81
C SER F 21 -25.49 -32.63 -2.16
N CYS F 22 -25.36 -31.54 -1.42
CA CYS F 22 -24.26 -30.61 -1.61
C CYS F 22 -23.91 -29.91 -0.30
N UNK F 23 -22.69 -30.13 0.17
CA UNK F 23 -22.21 -29.52 1.41
C UNK F 23 -21.33 -28.32 1.10
N ALA F 24 -21.43 -27.29 1.94
CA ALA F 24 -20.67 -26.06 1.76
C ALA F 24 -19.58 -25.95 2.80
N UNK F 25 -18.60 -25.08 2.53
CA UNK F 25 -17.47 -24.90 3.44
C UNK F 25 -17.76 -23.87 4.52
N UNK F 26 -18.54 -22.85 4.17
CA UNK F 26 -18.91 -21.83 5.14
C UNK F 26 -20.43 -21.80 5.30
N UNK F 27 -20.90 -20.97 6.23
CA UNK F 27 -22.31 -20.90 6.55
C UNK F 27 -23.14 -20.38 5.38
N UNK F 28 -24.18 -21.12 5.02
CA UNK F 28 -25.06 -20.76 3.91
C UNK F 28 -26.51 -20.60 4.38
N UNK F 29 -26.69 -20.29 5.66
CA UNK F 29 -28.02 -20.19 6.24
C UNK F 29 -28.82 -19.04 5.63
N UNK F 30 -28.14 -17.99 5.21
CA UNK F 30 -28.81 -16.78 4.72
C UNK F 30 -28.81 -16.69 3.20
N UNK F 31 -28.22 -17.68 2.53
CA UNK F 31 -28.10 -17.67 1.08
C UNK F 31 -28.94 -18.77 0.44
N UNK F 32 -29.39 -18.52 -0.78
CA UNK F 32 -30.15 -19.49 -1.55
C UNK F 32 -29.23 -20.44 -2.31
N UNK F 33 -29.67 -21.67 -2.50
CA UNK F 33 -28.89 -22.66 -3.24
C UNK F 33 -29.69 -23.17 -4.43
N UNK F 34 -29.11 -23.06 -5.62
CA UNK F 34 -29.77 -23.50 -6.84
C UNK F 34 -29.07 -24.72 -7.43
N TRP F 35 -29.85 -25.54 -8.13
CA TRP F 35 -29.31 -26.70 -8.83
C TRP F 35 -29.38 -26.49 -10.34
N UNK F 36 -28.28 -26.83 -11.03
CA UNK F 36 -28.22 -26.73 -12.48
C UNK F 36 -27.73 -28.05 -13.06
N ARG F 37 -28.05 -28.29 -14.33
CA ARG F 37 -27.60 -29.51 -15.00
C ARG F 37 -27.16 -29.21 -16.43
N GLN F 38 -26.18 -29.97 -16.90
CA GLN F 38 -25.64 -29.79 -18.24
C GLN F 38 -25.40 -31.13 -18.92
N UNK F 39 -26.03 -31.30 -20.09
CA UNK F 39 -25.88 -32.50 -20.89
C UNK F 39 -24.70 -32.35 -21.84
N PRO F 40 -24.13 -33.47 -22.30
CA PRO F 40 -23.03 -33.41 -23.28
C PRO F 40 -23.39 -32.65 -24.55
N GLY F 41 -22.62 -31.61 -24.86
CA GLY F 41 -22.84 -30.82 -26.05
C GLY F 41 -24.00 -29.84 -25.92
N UNK F 42 -24.35 -29.51 -24.69
CA UNK F 42 -25.43 -28.56 -24.42
C UNK F 42 -25.00 -27.58 -23.33
N UNK F 43 -25.83 -26.58 -23.09
CA UNK F 43 -25.54 -25.58 -22.06
C UNK F 43 -26.26 -25.91 -20.76
N ARG F 44 -25.81 -25.30 -19.67
CA ARG F 44 -26.41 -25.53 -18.37
C ARG F 44 -27.82 -24.93 -18.31
N GLU F 45 -28.76 -25.74 -17.84
CA GLU F 45 -30.14 -25.30 -17.67
C GLU F 45 -30.50 -25.30 -16.20
N UNK F 46 -31.40 -24.40 -15.81
CA UNK F 46 -31.86 -24.30 -14.44
C UNK F 46 -32.69 -25.53 -14.08
N VAL F 47 -32.59 -25.99 -12.84
CA VAL F 47 -33.37 -27.11 -12.37
C VAL F 47 -34.27 -26.69 -11.23
N UNK F 48 -33.64 -26.38 -10.10
CA UNK F 48 -34.39 -25.99 -8.91
C UNK F 48 -33.59 -25.01 -8.07
N UNK F 49 -34.32 -24.22 -7.28
CA UNK F 49 -33.70 -23.27 -6.36
C UNK F 49 -34.35 -23.40 -4.98
N UNK F 50 -33.51 -23.44 -3.95
CA UNK F 50 -33.99 -23.50 -2.58
C UNK F 50 -33.53 -22.25 -1.83
N UNK F 51 -34.46 -21.33 -1.57
CA UNK F 51 -34.14 -20.09 -0.86
C UNK F 51 -34.03 -20.36 0.64
N UNK F 52 -33.95 -19.28 1.41
CA UNK F 52 -33.86 -19.38 2.86
C UNK F 52 -35.10 -20.07 3.42
N UNK F 53 -34.95 -20.70 4.58
CA UNK F 53 -36.02 -21.47 5.19
C UNK F 53 -37.21 -20.57 5.54
N UNK F 54 -38.20 -20.57 4.65
CA UNK F 54 -39.52 -19.92 4.74
C UNK F 54 -39.83 -19.24 3.42
N UNK F 55 -38.80 -18.99 2.63
CA UNK F 55 -38.95 -18.28 1.36
C UNK F 55 -39.27 -19.24 0.21
N UNK F 56 -39.55 -20.50 0.56
CA UNK F 56 -40.02 -21.50 -0.39
C UNK F 56 -39.00 -21.88 -1.46
N UNK F 57 -39.45 -22.65 -2.44
CA UNK F 57 -38.59 -23.16 -3.51
C UNK F 57 -39.22 -22.91 -4.88
N UNK F 58 -38.42 -23.06 -5.93
CA UNK F 58 -38.87 -22.85 -7.29
C UNK F 58 -38.23 -23.87 -8.23
N UNK F 59 -39.01 -24.37 -9.19
CA UNK F 59 -38.53 -25.45 -10.06
C UNK F 59 -38.69 -25.10 -11.53
N UNK F 60 -37.88 -25.74 -12.36
CA UNK F 60 -37.89 -25.52 -13.80
C UNK F 60 -39.08 -26.20 -14.46
N ASP F 61 -39.25 -25.96 -15.75
CA ASP F 61 -40.38 -26.47 -16.49
C ASP F 61 -40.28 -27.97 -16.73
N SER F 62 -39.06 -28.50 -16.63
CA SER F 62 -38.80 -29.89 -16.95
C SER F 62 -38.81 -30.82 -15.75
N UNK F 63 -38.81 -30.26 -14.55
CA UNK F 63 -38.63 -31.05 -13.34
C UNK F 63 -39.78 -30.93 -12.33
N UNK F 64 -40.80 -30.14 -12.66
CA UNK F 64 -41.90 -29.89 -11.74
C UNK F 64 -42.70 -31.16 -11.43
N GLY F 65 -42.93 -31.41 -10.15
CA GLY F 65 -43.71 -32.56 -9.73
C GLY F 65 -42.90 -33.81 -9.45
N ARG F 66 -41.73 -33.92 -10.10
CA ARG F 66 -40.87 -35.08 -9.95
C ARG F 66 -39.67 -34.84 -9.06
N PHE F 67 -39.18 -33.60 -8.97
CA PHE F 67 -38.01 -33.28 -8.17
C PHE F 67 -38.41 -32.46 -6.95
N THR F 68 -37.69 -32.65 -5.85
CA THR F 68 -37.94 -31.88 -4.63
C THR F 68 -36.62 -31.39 -4.04
N UNK F 69 -36.51 -30.07 -3.88
CA UNK F 69 -35.32 -29.46 -3.29
C UNK F 69 -35.58 -29.13 -1.82
N SER F 70 -34.55 -29.28 -1.00
CA SER F 70 -34.64 -28.99 0.41
C SER F 70 -33.26 -28.64 0.97
N UNK F 71 -33.24 -28.06 2.17
CA UNK F 71 -32.01 -27.64 2.80
C UNK F 71 -31.94 -28.07 4.26
N ASP F 72 -30.71 -28.30 4.74
CA ASP F 72 -30.46 -28.60 6.13
C ASP F 72 -29.41 -27.62 6.66
N UNK F 73 -29.88 -26.54 7.26
CA UNK F 73 -29.03 -25.44 7.70
C UNK F 73 -28.00 -25.87 8.75
N UNK F 74 -28.34 -26.88 9.53
CA UNK F 74 -27.44 -27.36 10.58
C UNK F 74 -26.24 -28.08 9.96
N UNK F 75 -26.49 -28.88 8.93
CA UNK F 75 -25.43 -29.62 8.26
C UNK F 75 -24.81 -28.81 7.12
N UNK F 76 -25.30 -27.59 6.93
CA UNK F 76 -24.81 -26.70 5.87
C UNK F 76 -24.90 -27.39 4.51
N UNK F 77 -25.94 -28.19 4.34
CA UNK F 77 -26.12 -28.98 3.13
C UNK F 77 -27.48 -28.76 2.47
N UNK F 78 -27.48 -28.76 1.15
CA UNK F 78 -28.70 -28.73 0.36
C UNK F 78 -28.93 -30.09 -0.27
N UNK F 79 -30.18 -30.38 -0.61
CA UNK F 79 -30.56 -31.67 -1.17
C UNK F 79 -31.48 -31.52 -2.36
N LEU F 80 -31.46 -32.54 -3.22
CA LEU F 80 -32.36 -32.60 -4.37
C LEU F 80 -32.81 -34.04 -4.59
N GLN F 81 -34.01 -34.35 -4.09
CA GLN F 81 -34.61 -35.65 -4.31
C GLN F 81 -35.24 -35.70 -5.70
N UNK F 82 -34.75 -36.61 -6.54
CA UNK F 82 -35.27 -36.76 -7.89
C UNK F 82 -36.05 -38.08 -8.02
N UNK F 83 -37.31 -37.97 -8.42
CA UNK F 83 -38.17 -39.14 -8.60
C UNK F 83 -38.67 -39.23 -10.04
N UNK F 84 -39.07 -40.43 -10.45
CA UNK F 84 -39.59 -40.69 -11.79
C UNK F 84 -38.58 -40.25 -12.84
N LEU F 85 -37.36 -40.76 -12.73
CA LEU F 85 -36.28 -40.35 -13.62
C LEU F 85 -36.47 -40.87 -15.04
N UNK F 86 -36.31 -39.99 -16.02
CA UNK F 86 -36.37 -40.36 -17.43
C UNK F 86 -34.97 -40.26 -18.04
N UNK F 87 -34.79 -40.87 -19.20
CA UNK F 87 -33.50 -40.86 -19.88
C UNK F 87 -33.07 -39.45 -20.27
N UNK F 88 -34.05 -38.55 -20.40
CA UNK F 88 -33.76 -37.17 -20.78
C UNK F 88 -33.07 -36.41 -19.64
N ASP F 89 -33.26 -36.88 -18.41
CA ASP F 89 -32.69 -36.21 -17.25
C ASP F 89 -31.20 -36.55 -17.08
N UNK F 90 -30.66 -37.36 -17.99
CA UNK F 90 -29.25 -37.76 -17.92
C UNK F 90 -28.32 -36.57 -18.21
N ALA F 91 -27.58 -36.17 -17.19
CA ALA F 91 -26.64 -35.06 -17.29
C ALA F 91 -25.75 -35.00 -16.06
N UNK F 92 -24.86 -34.01 -16.05
CA UNK F 92 -24.08 -33.69 -14.87
C UNK F 92 -24.80 -32.60 -14.09
N TYR F 93 -24.98 -32.81 -12.80
CA TYR F 93 -25.74 -31.88 -11.99
C TYR F 93 -24.85 -31.05 -11.07
N TYR F 94 -24.99 -29.74 -11.17
CA TYR F 94 -24.18 -28.79 -10.41
C TYR F 94 -25.04 -28.07 -9.38
N CYS F 95 -24.38 -27.58 -8.34
CA CYS F 95 -25.03 -26.75 -7.33
C CYS F 95 -24.23 -25.47 -7.13
N UNK F 96 -24.94 -24.36 -7.01
CA UNK F 96 -24.31 -23.06 -6.86
C UNK F 96 -24.99 -22.23 -5.77
N UNK F 97 -24.29 -21.19 -5.31
CA UNK F 97 -24.81 -20.32 -4.28
C UNK F 97 -25.15 -18.95 -4.85
N UNK F 98 -26.30 -18.41 -4.43
CA UNK F 98 -26.70 -17.06 -4.81
C UNK F 98 -26.14 -16.08 -3.78
N UNK F 99 -25.06 -15.40 -4.15
CA UNK F 99 -24.35 -14.51 -3.23
C UNK F 99 -25.21 -13.33 -2.79
N UNK F 100 -26.21 -12.99 -3.60
CA UNK F 100 -27.10 -11.89 -3.26
C UNK F 100 -28.23 -12.40 -2.36
N UNK F 101 -28.34 -11.83 -1.17
CA UNK F 101 -29.37 -12.23 -0.21
C UNK F 101 -30.77 -11.82 -0.70
N UNK F 102 -30.82 -10.95 -1.71
CA UNK F 102 -32.08 -10.49 -2.27
C UNK F 102 -32.54 -11.38 -3.42
N UNK F 103 -31.94 -12.57 -3.53
CA UNK F 103 -32.32 -13.58 -4.51
C UNK F 103 -32.21 -13.07 -5.95
N UNK F 104 -31.14 -12.35 -6.24
CA UNK F 104 -30.93 -11.81 -7.59
C UNK F 104 -30.22 -12.82 -8.48
N UNK F 105 -29.51 -13.77 -7.86
CA UNK F 105 -28.74 -14.86 -8.49
C UNK F 105 -27.29 -14.49 -8.80
N UNK F 106 -26.61 -13.86 -7.85
CA UNK F 106 -25.18 -13.65 -7.99
C UNK F 106 -24.48 -14.99 -7.77
N UNK F 107 -24.56 -15.86 -8.77
CA UNK F 107 -23.99 -17.20 -8.69
C UNK F 107 -22.48 -17.14 -8.86
N UNK F 108 -21.77 -16.88 -7.75
CA UNK F 108 -20.31 -16.73 -7.80
C UNK F 108 -19.59 -18.07 -7.59
N UNK F 109 -20.04 -18.83 -6.60
CA UNK F 109 -19.40 -20.10 -6.28
C UNK F 109 -20.18 -21.29 -6.84
N TRP F 110 -19.44 -22.29 -7.33
CA TRP F 110 -20.05 -23.46 -7.95
C TRP F 110 -19.40 -24.75 -7.47
N GLY F 111 -20.00 -25.88 -7.85
CA GLY F 111 -19.44 -27.17 -7.56
C GLY F 111 -18.97 -27.86 -8.83
N UNK F 112 -18.18 -28.91 -8.67
CA UNK F 112 -17.68 -29.66 -9.82
C UNK F 112 -18.78 -30.52 -10.41
N GLY F 113 -19.69 -30.98 -9.55
CA GLY F 113 -20.85 -31.73 -10.00
C GLY F 113 -20.76 -33.24 -9.82
N THR F 114 -21.89 -33.90 -10.02
CA THR F 114 -21.95 -35.36 -10.00
C THR F 114 -22.78 -35.83 -11.19
N UNK F 115 -22.47 -37.03 -11.66
CA UNK F 115 -23.08 -37.56 -12.88
C UNK F 115 -24.35 -38.34 -12.55
N VAL F 116 -25.42 -38.05 -13.28
CA VAL F 116 -26.67 -38.80 -13.21
C VAL F 116 -26.94 -39.37 -14.60
N THR F 117 -27.10 -40.69 -14.68
CA THR F 117 -27.34 -41.37 -15.95
C THR F 117 -28.53 -42.29 -15.78
N VAL F 118 -29.57 -42.07 -16.58
CA VAL F 118 -30.79 -42.86 -16.52
C VAL F 118 -30.82 -43.80 -17.72
N SER F 119 -31.22 -45.04 -17.48
CA SER F 119 -31.27 -46.09 -18.51
C SER F 119 -29.91 -46.32 -19.13
#